data_3QSF
# 
_entry.id   3QSF 
# 
_audit_conform.dict_name       mmcif_pdbx.dic 
_audit_conform.dict_version    5.379 
_audit_conform.dict_location   http://mmcif.pdb.org/dictionaries/ascii/mmcif_pdbx.dic 
# 
loop_
_database_2.database_id 
_database_2.database_code 
_database_2.pdbx_database_accession 
_database_2.pdbx_DOI 
PDB   3QSF         pdb_00003qsf 10.2210/pdb3qsf/pdb 
NDB   NA0988       ?            ?                   
RCSB  RCSB064044   ?            ?                   
WWPDB D_1000064044 ?            ?                   
# 
loop_
_pdbx_database_related.db_name 
_pdbx_database_related.db_id 
_pdbx_database_related.details 
_pdbx_database_related.content_type 
PDB 3QSC 'The same human telomeric G-quadruplex bound to a similar metal-containing ligand (a copper complex).' unspecified 
PDB 3CE5 'The same human telomeric G-quadruplex bound to an acridine ligand (Braco19)'                          unspecified 
PDB 3CCO 'The same human telomeric G-quadruplex bound to a naphthalene diimide ligand.'                         unspecified 
PDB 3CDM 'The same human telomeric G-quadruplex bound to a naphthalene diimide ligand.'                         unspecified 
PDB 1KF1 'The same human telomeric G-quadruplex in its native (ligand-free) form.'                              unspecified 
PDB 1K8P 'The same human telomeric G-quadruplex in its native (ligand-free) form.'                              unspecified 
PDB 2HRI 'The same human telomeric G-quadruplex bound to a porphyrin ligand.'                                   unspecified 
# 
_pdbx_database_status.entry_id                        3QSF 
_pdbx_database_status.deposit_site                    RCSB 
_pdbx_database_status.process_site                    RCSB 
_pdbx_database_status.recvd_initial_deposition_date   2011-02-21 
_pdbx_database_status.status_code                     REL 
_pdbx_database_status.status_code_sf                  REL 
_pdbx_database_status.status_code_mr                  ? 
_pdbx_database_status.SG_entry                        ? 
_pdbx_database_status.status_code_cs                  ? 
_pdbx_database_status.methods_development_category    ? 
_pdbx_database_status.pdb_format_compatible           Y 
_pdbx_database_status.status_code_nmr_data            ? 
# 
loop_
_audit_author.name 
_audit_author.pdbx_ordinal 
'Campbell, N.H.'  1 
'Abd Karim, N.H.' 2 
'Parkinson, G.N.' 3 
'Vilar, R.'       4 
'Neidle, S.'      5 
# 
_citation.id                        primary 
_citation.title                     
'Molecular basis of structure-activity relationships between salphen metal complexes and human telomeric DNA quadruplexes.' 
_citation.journal_abbrev            J.Med.Chem. 
_citation.journal_volume            55 
_citation.page_first                209 
_citation.page_last                 222 
_citation.year                      2012 
_citation.journal_id_ASTM           JMCMAR 
_citation.country                   US 
_citation.journal_id_ISSN           0022-2623 
_citation.journal_id_CSD            0151 
_citation.book_publisher            ? 
_citation.pdbx_database_id_PubMed   22112241 
_citation.pdbx_database_id_DOI      10.1021/jm201140v 
# 
loop_
_citation_author.citation_id 
_citation_author.name 
_citation_author.ordinal 
_citation_author.identifier_ORCID 
primary 'Campbell, N.H.'  1 ? 
primary 'Karim, N.H.'     2 ? 
primary 'Parkinson, G.N.' 3 ? 
primary 'Gunaratnam, M.'  4 ? 
primary 'Petrucci, V.'    5 ? 
primary 'Todd, A.K.'      6 ? 
primary 'Vilar, R.'       7 ? 
primary 'Neidle, S.'      8 ? 
# 
_cell.length_a           44.020 
_cell.length_b           54.909 
_cell.length_c           33.691 
_cell.angle_alpha        90.000 
_cell.angle_beta         90.000 
_cell.angle_gamma        90.000 
_cell.entry_id           3QSF 
_cell.pdbx_unique_axis   ? 
_cell.Z_PDB              8 
_cell.length_a_esd       ? 
_cell.length_b_esd       ? 
_cell.length_c_esd       ? 
_cell.angle_alpha_esd    ? 
_cell.angle_beta_esd     ? 
_cell.angle_gamma_esd    ? 
# 
_symmetry.space_group_name_H-M             'C 2 2 2' 
_symmetry.entry_id                         3QSF 
_symmetry.Int_Tables_number                21 
_symmetry.pdbx_full_space_group_name_H-M   ? 
_symmetry.cell_setting                     ? 
_symmetry.space_group_name_Hall            ? 
# 
loop_
_entity.id 
_entity.type 
_entity.src_method 
_entity.pdbx_description 
_entity.formula_weight 
_entity.pdbx_number_of_molecules 
_entity.pdbx_ec 
_entity.pdbx_mutation 
_entity.pdbx_fragment 
_entity.details 
1 polymer     syn "5'-D(*AP*GP*GP*GP*TP*TP*AP*GP*GP*GP*TP*T)-3'" 3773.462 1  ? ? ? 'Human telomeric G-quadruplex DNA' 
2 non-polymer syn 'POTASSIUM ION' 39.098   3  ? ? ? ?                                  
3 non-polymer syn 
;[2,2'-{(4,5-difluorobenzene-1,2-diyl)bis[(nitrilo-kappaN)methylylidene]}bis{5-[2-(piperidin-1-yl)ethoxy]phenolato-kappa O}(2-)]nickel (II)
;
663.380  1  ? ? ? ?                                  
4 water       nat water 18.015   20 ? ? ? ?                                  
# 
_entity_poly.entity_id                      1 
_entity_poly.type                           polydeoxyribonucleotide 
_entity_poly.nstd_linkage                   no 
_entity_poly.nstd_monomer                   no 
_entity_poly.pdbx_seq_one_letter_code       '(DA)(DG)(DG)(DG)(DT)(DT)(DA)(DG)(DG)(DG)(DT)(DT)' 
_entity_poly.pdbx_seq_one_letter_code_can   AGGGTTAGGGTT 
_entity_poly.pdbx_strand_id                 X 
_entity_poly.pdbx_target_identifier         ? 
# 
loop_
_entity_poly_seq.entity_id 
_entity_poly_seq.num 
_entity_poly_seq.mon_id 
_entity_poly_seq.hetero 
1 1  DA n 
1 2  DG n 
1 3  DG n 
1 4  DG n 
1 5  DT n 
1 6  DT n 
1 7  DA n 
1 8  DG n 
1 9  DG n 
1 10 DG n 
1 11 DT n 
1 12 DT n 
# 
_pdbx_entity_src_syn.entity_id              1 
_pdbx_entity_src_syn.pdbx_src_id            1 
_pdbx_entity_src_syn.pdbx_alt_source_flag   sample 
_pdbx_entity_src_syn.pdbx_beg_seq_num       ? 
_pdbx_entity_src_syn.pdbx_end_seq_num       ? 
_pdbx_entity_src_syn.organism_scientific    ? 
_pdbx_entity_src_syn.organism_common_name   ? 
_pdbx_entity_src_syn.ncbi_taxonomy_id       ? 
_pdbx_entity_src_syn.details                'This sequence occurs naturally in humans' 
# 
_struct_ref.id                         1 
_struct_ref.db_name                    PDB 
_struct_ref.db_code                    3QSF 
_struct_ref.pdbx_db_accession          3QSF 
_struct_ref.entity_id                  1 
_struct_ref.pdbx_align_begin           ? 
_struct_ref.pdbx_seq_one_letter_code   ? 
_struct_ref.pdbx_db_isoform            ? 
# 
_struct_ref_seq.align_id                      1 
_struct_ref_seq.ref_id                        1 
_struct_ref_seq.pdbx_PDB_id_code              3QSF 
_struct_ref_seq.pdbx_strand_id                X 
_struct_ref_seq.seq_align_beg                 1 
_struct_ref_seq.pdbx_seq_align_beg_ins_code   ? 
_struct_ref_seq.seq_align_end                 12 
_struct_ref_seq.pdbx_seq_align_end_ins_code   ? 
_struct_ref_seq.pdbx_db_accession             3QSF 
_struct_ref_seq.db_align_beg                  1001 
_struct_ref_seq.pdbx_db_align_beg_ins_code    ? 
_struct_ref_seq.db_align_end                  1012 
_struct_ref_seq.pdbx_db_align_end_ins_code    ? 
_struct_ref_seq.pdbx_auth_seq_align_beg       1001 
_struct_ref_seq.pdbx_auth_seq_align_end       1012 
# 
loop_
_chem_comp.id 
_chem_comp.type 
_chem_comp.mon_nstd_flag 
_chem_comp.name 
_chem_comp.pdbx_synonyms 
_chem_comp.formula 
_chem_comp.formula_weight 
DA  'DNA linking' y "2'-DEOXYADENOSINE-5'-MONOPHOSPHATE" ? 'C10 H14 N5 O6 P'     331.222 
DG  'DNA linking' y "2'-DEOXYGUANOSINE-5'-MONOPHOSPHATE" ? 'C10 H14 N5 O7 P'     347.221 
DT  'DNA linking' y "THYMIDINE-5'-MONOPHOSPHATE" ? 'C10 H15 N2 O8 P'     322.208 
HOH non-polymer   . WATER ?                                                                                                   
'H2 O'                18.015  
K   non-polymer   . 'POTASSIUM ION' ? 'K 1'                 39.098  
NUF non-polymer   . 
;[2,2'-{(4,5-difluorobenzene-1,2-diyl)bis[(nitrilo-kappaN)methylylidene]}bis{5-[2-(piperidin-1-yl)ethoxy]phenolato-kappa O}(2-)]nickel (II)
;
'N,N-Bis[4-[[1-(2-ethyl)piperidine]oxy]salicylidene]-4,5-difluoro-1,2-phenylenediamine-Nickel (II)' 'C34 H38 F2 N4 Ni O4' 663.380 
# 
_exptl.crystals_number   1 
_exptl.entry_id          3QSF 
_exptl.method            'X-RAY DIFFRACTION' 
# 
_exptl_crystal.id                    1 
_exptl_crystal.density_Matthews      2.70 
_exptl_crystal.density_meas          ? 
_exptl_crystal.density_percent_sol   54.40 
_exptl_crystal.description           ? 
_exptl_crystal.F_000                 ? 
_exptl_crystal.preparation           ? 
# 
_exptl_crystal_grow.crystal_id      1 
_exptl_crystal_grow.method          'VAPOR DIFFUSION, HANGING DROP' 
_exptl_crystal_grow.pH              7.0 
_exptl_crystal_grow.temp            293.15 
_exptl_crystal_grow.temp_details    ? 
_exptl_crystal_grow.pdbx_details    
;Initial conditions in the 3 ul drop were: 1.25mM quadruplex DNA, 1.25mM ligand, 0.83% PEG (w/v) 10 000, 16.7mM potassium chloride, 16.7mM sodium chloride, 16.7mM lithium sulphate and 20 mM potassium cacodylate buffer at pH 7.0. This was equilibrated against a reservoir well solution of 50% (w/v) PEG 10000 , VAPOR DIFFUSION, HANGING DROP, temperature 293.15K
;
_exptl_crystal_grow.pdbx_pH_range   ? 
# 
_diffrn.id                     1 
_diffrn.ambient_temp           105 
_diffrn.ambient_temp_details   ? 
_diffrn.crystal_id             1 
# 
_diffrn_detector.diffrn_id              1 
_diffrn_detector.detector               CCD 
_diffrn_detector.type                   'ADSC QUANTUM 315r' 
_diffrn_detector.pdbx_collection_date   2010-06-28 
_diffrn_detector.details                ? 
# 
_diffrn_radiation.diffrn_id                        1 
_diffrn_radiation.wavelength_id                    1 
_diffrn_radiation.pdbx_diffrn_protocol             'SINGLE WAVELENGTH' 
_diffrn_radiation.monochromator                    ? 
_diffrn_radiation.pdbx_monochromatic_or_laue_m_l   M 
_diffrn_radiation.pdbx_scattering_type             x-ray 
# 
_diffrn_radiation_wavelength.id           1 
_diffrn_radiation_wavelength.wavelength   1.48660 
_diffrn_radiation_wavelength.wt           1.0 
# 
_diffrn_source.diffrn_id                   1 
_diffrn_source.source                      SYNCHROTRON 
_diffrn_source.type                        'DIAMOND BEAMLINE I03' 
_diffrn_source.pdbx_wavelength             ? 
_diffrn_source.pdbx_wavelength_list        1.48660 
_diffrn_source.pdbx_synchrotron_site       Diamond 
_diffrn_source.pdbx_synchrotron_beamline   I03 
# 
_reflns.entry_id                     3QSF 
_reflns.d_resolution_high            2.308 
_reflns.d_resolution_low             22.010 
_reflns.number_all                   1888 
_reflns.number_obs                   1888 
_reflns.pdbx_netI_over_sigmaI        15.100 
_reflns.pdbx_Rsym_value              0.053 
_reflns.pdbx_redundancy              3.500 
_reflns.percent_possible_obs         97.400 
_reflns.observed_criterion_sigma_F   ? 
_reflns.observed_criterion_sigma_I   ? 
_reflns.pdbx_Rmerge_I_obs            ? 
_reflns.B_iso_Wilson_estimate        ? 
_reflns.R_free_details               ? 
_reflns.limit_h_max                  ? 
_reflns.limit_h_min                  ? 
_reflns.limit_k_max                  ? 
_reflns.limit_k_min                  ? 
_reflns.limit_l_max                  ? 
_reflns.limit_l_min                  ? 
_reflns.observed_criterion_F_max     ? 
_reflns.observed_criterion_F_min     ? 
_reflns.pdbx_chi_squared             ? 
_reflns.pdbx_scaling_rejects         ? 
_reflns.pdbx_ordinal                 1 
_reflns.pdbx_diffrn_id               1 
# 
loop_
_reflns_shell.d_res_high 
_reflns_shell.d_res_low 
_reflns_shell.number_measured_obs 
_reflns_shell.number_measured_all 
_reflns_shell.number_unique_obs 
_reflns_shell.Rmerge_I_obs 
_reflns_shell.meanI_over_sigI_obs 
_reflns_shell.pdbx_Rsym_value 
_reflns_shell.pdbx_chi_squared 
_reflns_shell.pdbx_redundancy 
_reflns_shell.percent_possible_obs 
_reflns_shell.number_unique_all 
_reflns_shell.percent_possible_all 
_reflns_shell.pdbx_ordinal 
_reflns_shell.pdbx_diffrn_id 
2.310 2.430  ? 658 ? 0.153 4.600  0.153 ? 2.700 ? 242 89.800  1  1 
2.430 2.580  ? 981 ? 0.110 6.100  0.110 ? 3.700 ? 263 99.200  2  1 
2.580 2.760  ? 919 ? 0.082 6.700  0.082 ? 3.800 ? 245 100.000 3  1 
2.760 2.980  ? 863 ? 0.074 8.700  0.074 ? 3.800 ? 228 100.000 4  1 
2.980 3.260  ? 829 ? 0.053 10.700 0.053 ? 3.800 ? 219 99.700  5  1 
3.260 3.650  ? 675 ? 0.052 7.500  0.052 ? 3.600 ? 185 98.500  6  1 
3.650 4.210  ? 634 ? 0.058 9.800  0.058 ? 3.500 ? 179 100.000 7  1 
4.210 5.160  ? 531 ? 0.040 14.900 0.040 ? 3.500 ? 150 99.600  8  1 
5.160 7.290  ? 389 ? 0.045 12.100 0.045 ? 3.300 ? 118 96.100  9  1 
7.290 22.010 ? 183 ? 0.043 14.800 0.043 ? 3.100 ? 59  80.500  10 1 
# 
_refine.entry_id                                 3QSF 
_refine.ls_d_res_high                            2.4000 
_refine.ls_d_res_low                             15.0000 
_refine.pdbx_ls_sigma_F                          0.000 
_refine.pdbx_data_cutoff_high_absF               ? 
_refine.pdbx_data_cutoff_low_absF                ? 
_refine.ls_percent_reflns_obs                    97.0000 
_refine.ls_number_reflns_obs                     1684 
_refine.ls_number_reflns_all                     1684 
_refine.pdbx_ls_cross_valid_method               THROUGHOUT 
_refine.pdbx_R_Free_selection_details            RANDOM 
_refine.details                                  ? 
_refine.ls_R_factor_all                          ? 
_refine.ls_R_factor_obs                          0.2404 
_refine.ls_R_factor_R_work                       0.2369 
_refine.ls_wR_factor_R_work                      0.2714 
_refine.ls_R_factor_R_free                       0.3203 
_refine.ls_wR_factor_R_free                      0.3649 
_refine.ls_percent_reflns_R_free                 4.6000 
_refine.ls_number_reflns_R_free                  77 
_refine.ls_R_factor_R_free_error                 ? 
_refine.B_iso_mean                               34.0311 
_refine.solvent_model_param_bsol                 ? 
_refine.solvent_model_param_ksol                 ? 
_refine.pdbx_isotropic_thermal_model             ? 
_refine.aniso_B[1][1]                            0.7300 
_refine.aniso_B[2][2]                            -0.0700 
_refine.aniso_B[3][3]                            -0.6600 
_refine.aniso_B[1][2]                            0.0000 
_refine.aniso_B[1][3]                            0.0000 
_refine.aniso_B[2][3]                            0.0000 
_refine.correlation_coeff_Fo_to_Fc               0.9360 
_refine.correlation_coeff_Fo_to_Fc_free          0.8720 
_refine.overall_SU_R_Cruickshank_DPI             0.4976 
_refine.overall_SU_R_free                        0.3403 
_refine.pdbx_overall_ESU_R_Free                  0.3400 
_refine.overall_SU_ML                            0.2110 
_refine.overall_SU_B                             9.9490 
_refine.solvent_model_details                    MASK 
_refine.pdbx_solvent_vdw_probe_radii             1.4000 
_refine.pdbx_solvent_ion_probe_radii             0.8000 
_refine.pdbx_solvent_shrinkage_radii             0.8000 
_refine.ls_number_parameters                     ? 
_refine.ls_number_restraints                     ? 
_refine.pdbx_starting_model                      3QSC 
_refine.pdbx_method_to_determine_struct          'MOLECULAR REPLACEMENT' 
_refine.pdbx_stereochemistry_target_values       'MAXIMUM LIKELIHOOD' 
_refine.pdbx_stereochem_target_val_spec_case     ? 
_refine.overall_FOM_work_R_set                   0.7240 
_refine.B_iso_max                                68.950 
_refine.B_iso_min                                4.510 
_refine.occupancy_max                            1.000 
_refine.occupancy_min                            0.250 
_refine.pdbx_ls_sigma_I                          ? 
_refine.ls_redundancy_reflns_obs                 ? 
_refine.ls_R_factor_R_free_error_details         ? 
_refine.pdbx_data_cutoff_high_rms_absF           ? 
_refine.overall_FOM_free_R_set                   ? 
_refine.pdbx_overall_phase_error                 ? 
_refine.pdbx_refine_id                           'X-RAY DIFFRACTION' 
_refine.pdbx_overall_ESU_R                       ? 
_refine.pdbx_diffrn_id                           1 
_refine.pdbx_TLS_residual_ADP_flag               ? 
_refine.pdbx_overall_SU_R_free_Cruickshank_DPI   ? 
_refine.pdbx_overall_SU_R_Blow_DPI               ? 
_refine.pdbx_overall_SU_R_free_Blow_DPI          ? 
# 
_refine_hist.pdbx_refine_id                   'X-RAY DIFFRACTION' 
_refine_hist.cycle_id                         LAST 
_refine_hist.pdbx_number_atoms_protein        0 
_refine_hist.pdbx_number_atoms_nucleic_acid   231 
_refine_hist.pdbx_number_atoms_ligand         48 
_refine_hist.number_atoms_solvent             20 
_refine_hist.number_atoms_total               299 
_refine_hist.d_res_high                       2.4000 
_refine_hist.d_res_low                        15.0000 
# 
loop_
_refine_ls_restr.type 
_refine_ls_restr.number 
_refine_ls_restr.dev_ideal 
_refine_ls_restr.dev_ideal_target 
_refine_ls_restr.weight 
_refine_ls_restr.pdbx_refine_id 
_refine_ls_restr.pdbx_restraint_function 
r_bond_refined_d     312 0.014 0.021 ? 'X-RAY DIFFRACTION' ? 
r_angle_refined_deg  478 1.608 3.000 ? 'X-RAY DIFFRACTION' ? 
r_chiral_restr       45  0.059 0.200 ? 'X-RAY DIFFRACTION' ? 
r_gen_planes_refined 169 0.021 0.020 ? 'X-RAY DIFFRACTION' ? 
r_scbond_it          312 2.864 3.000 ? 'X-RAY DIFFRACTION' ? 
r_scangle_it         478 4.428 4.500 ? 'X-RAY DIFFRACTION' ? 
# 
_refine_ls_shell.d_res_high                       2.4000 
_refine_ls_shell.d_res_low                        2.4610 
_refine_ls_shell.pdbx_total_number_of_bins_used   20 
_refine_ls_shell.percent_reflns_obs               92.9700 
_refine_ls_shell.number_reflns_R_work             114 
_refine_ls_shell.R_factor_all                     ? 
_refine_ls_shell.R_factor_R_work                  0.3810 
_refine_ls_shell.R_factor_R_free                  0.3470 
_refine_ls_shell.percent_reflns_R_free            ? 
_refine_ls_shell.number_reflns_R_free             5 
_refine_ls_shell.R_factor_R_free_error            ? 
_refine_ls_shell.number_reflns_all                119 
_refine_ls_shell.number_reflns_obs                ? 
_refine_ls_shell.redundancy_reflns_obs            ? 
_refine_ls_shell.pdbx_refine_id                   'X-RAY DIFFRACTION' 
# 
_struct.entry_id                  3QSF 
_struct.title                     
'The first crystal structure of a human telomeric G-quadruplex DNA bound to a metal-containing ligand (a nickel complex)' 
_struct.pdbx_model_details        ? 
_struct.pdbx_CASP_flag            ? 
_struct.pdbx_model_type_details   ? 
# 
_struct_keywords.entry_id        3QSF 
_struct_keywords.pdbx_keywords   DNA 
_struct_keywords.text            'Parallel, telomere, nickel, drug, DNA, metal complex' 
# 
loop_
_struct_asym.id 
_struct_asym.pdbx_blank_PDB_chainid_flag 
_struct_asym.pdbx_modified 
_struct_asym.entity_id 
_struct_asym.details 
A N N 1 ? 
B N N 2 ? 
C N N 2 ? 
D N N 2 ? 
E N N 3 ? 
F N N 4 ? 
# 
_struct_biol.id        1 
_struct_biol.details   ? 
# 
loop_
_struct_conn.id 
_struct_conn.conn_type_id 
_struct_conn.pdbx_leaving_atom_flag 
_struct_conn.pdbx_PDB_id 
_struct_conn.ptnr1_label_asym_id 
_struct_conn.ptnr1_label_comp_id 
_struct_conn.ptnr1_label_seq_id 
_struct_conn.ptnr1_label_atom_id 
_struct_conn.pdbx_ptnr1_label_alt_id 
_struct_conn.pdbx_ptnr1_PDB_ins_code 
_struct_conn.pdbx_ptnr1_standard_comp_id 
_struct_conn.ptnr1_symmetry 
_struct_conn.ptnr2_label_asym_id 
_struct_conn.ptnr2_label_comp_id 
_struct_conn.ptnr2_label_seq_id 
_struct_conn.ptnr2_label_atom_id 
_struct_conn.pdbx_ptnr2_label_alt_id 
_struct_conn.pdbx_ptnr2_PDB_ins_code 
_struct_conn.ptnr1_auth_asym_id 
_struct_conn.ptnr1_auth_comp_id 
_struct_conn.ptnr1_auth_seq_id 
_struct_conn.ptnr2_auth_asym_id 
_struct_conn.ptnr2_auth_comp_id 
_struct_conn.ptnr2_auth_seq_id 
_struct_conn.ptnr2_symmetry 
_struct_conn.pdbx_ptnr3_label_atom_id 
_struct_conn.pdbx_ptnr3_label_seq_id 
_struct_conn.pdbx_ptnr3_label_comp_id 
_struct_conn.pdbx_ptnr3_label_asym_id 
_struct_conn.pdbx_ptnr3_label_alt_id 
_struct_conn.pdbx_ptnr3_PDB_ins_code 
_struct_conn.details 
_struct_conn.pdbx_dist_value 
_struct_conn.pdbx_value_order 
_struct_conn.pdbx_role 
metalc1  metalc ? ? A DG 2  O6 ? ? ? 1_555 C K  .  K  ? ? X DG 1002 X K  2014 1_555 ? ? ? ? ? ? ?           2.721 ? ? 
metalc2  metalc ? ? A DG 2  O6 ? ? ? 1_555 D K  .  K  ? ? X DG 1002 X K  2015 1_555 ? ? ? ? ? ? ?           2.353 ? ? 
metalc3  metalc ? ? A DG 3  O6 ? ? ? 1_555 B K  .  K  ? ? X DG 1003 X K  2013 1_555 ? ? ? ? ? ? ?           2.882 ? ? 
metalc4  metalc ? ? A DG 3  O6 ? ? ? 1_555 C K  .  K  ? ? X DG 1003 X K  2014 1_555 ? ? ? ? ? ? ?           2.951 ? ? 
metalc5  metalc ? ? A DG 4  O6 ? ? ? 1_555 B K  .  K  ? ? X DG 1004 X K  2013 1_555 ? ? ? ? ? ? ?           2.876 ? ? 
metalc6  metalc ? ? A DG 8  O6 ? ? ? 1_555 C K  .  K  ? ? X DG 1008 X K  2014 1_555 ? ? ? ? ? ? ?           2.750 ? ? 
metalc7  metalc ? ? A DG 8  O6 ? ? ? 1_555 D K  .  K  ? ? X DG 1008 X K  2015 1_555 ? ? ? ? ? ? ?           2.411 ? ? 
metalc8  metalc ? ? A DG 9  O6 ? ? ? 1_555 B K  .  K  ? ? X DG 1009 X K  2013 1_555 ? ? ? ? ? ? ?           2.739 ? ? 
metalc9  metalc ? ? A DG 9  O6 ? ? ? 1_555 C K  .  K  ? ? X DG 1009 X K  2014 1_555 ? ? ? ? ? ? ?           2.842 ? ? 
metalc10 metalc ? ? A DG 10 O6 ? ? ? 1_555 B K  .  K  ? ? X DG 1010 X K  2013 1_555 ? ? ? ? ? ? ?           2.582 ? ? 
hydrog1  hydrog ? ? A DG 2  N1 ? ? ? 1_555 A DG 8  O6 ? ? X DG 1002 X DG 1008 1_555 ? ? ? ? ? ? TYPE_6_PAIR ?     ? ? 
hydrog2  hydrog ? ? A DG 2  N2 ? ? ? 1_555 A DG 8  N7 ? ? X DG 1002 X DG 1008 1_555 ? ? ? ? ? ? TYPE_6_PAIR ?     ? ? 
hydrog3  hydrog ? ? A DG 3  N1 ? ? ? 1_555 A DG 9  O6 ? ? X DG 1003 X DG 1009 1_555 ? ? ? ? ? ? TYPE_6_PAIR ?     ? ? 
hydrog4  hydrog ? ? A DG 3  N2 ? ? ? 1_555 A DG 9  N7 ? ? X DG 1003 X DG 1009 1_555 ? ? ? ? ? ? TYPE_6_PAIR ?     ? ? 
hydrog5  hydrog ? ? A DG 4  N1 ? ? ? 1_555 A DG 10 O6 ? ? X DG 1004 X DG 1010 1_555 ? ? ? ? ? ? TYPE_6_PAIR ?     ? ? 
hydrog6  hydrog ? ? A DG 4  N2 ? ? ? 1_555 A DG 10 N7 ? ? X DG 1004 X DG 1010 1_555 ? ? ? ? ? ? TYPE_6_PAIR ?     ? ? 
# 
loop_
_struct_conn_type.id 
_struct_conn_type.criteria 
_struct_conn_type.reference 
metalc ? ? 
hydrog ? ? 
# 
loop_
_struct_site.id 
_struct_site.pdbx_evidence_code 
_struct_site.pdbx_auth_asym_id 
_struct_site.pdbx_auth_comp_id 
_struct_site.pdbx_auth_seq_id 
_struct_site.pdbx_auth_ins_code 
_struct_site.pdbx_num_residues 
_struct_site.details 
AC1 Software X K   2013 ? 10 'BINDING SITE FOR RESIDUE K X 2013'   
AC2 Software X K   2014 ? 12 'BINDING SITE FOR RESIDUE K X 2014'   
AC3 Software X K   2015 ? 10 'BINDING SITE FOR RESIDUE K X 2015'   
AC4 Software X NUF 3016 ? 8  'BINDING SITE FOR RESIDUE NUF X 3016' 
# 
loop_
_struct_site_gen.id 
_struct_site_gen.site_id 
_struct_site_gen.pdbx_num_res 
_struct_site_gen.label_comp_id 
_struct_site_gen.label_asym_id 
_struct_site_gen.label_seq_id 
_struct_site_gen.pdbx_auth_ins_code 
_struct_site_gen.auth_comp_id 
_struct_site_gen.auth_asym_id 
_struct_site_gen.auth_seq_id 
_struct_site_gen.label_atom_id 
_struct_site_gen.label_alt_id 
_struct_site_gen.symmetry 
_struct_site_gen.details 
1  AC1 10 DG A 3  ? DG X 1003 . ? 1_555 ? 
2  AC1 10 DG A 3  ? DG X 1003 . ? 2_665 ? 
3  AC1 10 DG A 4  ? DG X 1004 . ? 1_555 ? 
4  AC1 10 DG A 4  ? DG X 1004 . ? 2_665 ? 
5  AC1 10 DG A 9  ? DG X 1009 . ? 2_665 ? 
6  AC1 10 DG A 9  ? DG X 1009 . ? 1_555 ? 
7  AC1 10 DG A 10 ? DG X 1010 . ? 2_665 ? 
8  AC1 10 DG A 10 ? DG X 1010 . ? 1_555 ? 
9  AC1 10 K  C .  ? K  X 2014 . ? 2_665 ? 
10 AC1 10 K  C .  ? K  X 2014 . ? 1_555 ? 
11 AC2 12 DG A 2  ? DG X 1002 . ? 1_555 ? 
12 AC2 12 DG A 2  ? DG X 1002 . ? 2_665 ? 
13 AC2 12 DG A 3  ? DG X 1003 . ? 2_665 ? 
14 AC2 12 DG A 3  ? DG X 1003 . ? 1_555 ? 
15 AC2 12 DG A 8  ? DG X 1008 . ? 2_665 ? 
16 AC2 12 DG A 8  ? DG X 1008 . ? 1_555 ? 
17 AC2 12 DG A 9  ? DG X 1009 . ? 1_555 ? 
18 AC2 12 DG A 9  ? DG X 1009 . ? 2_665 ? 
19 AC2 12 K  B .  ? K  X 2013 . ? 2_665 ? 
20 AC2 12 K  B .  ? K  X 2013 . ? 1_555 ? 
21 AC2 12 K  D .  ? K  X 2015 . ? 2_665 ? 
22 AC2 12 K  D .  ? K  X 2015 . ? 1_555 ? 
23 AC3 10 DG A 2  ? DG X 1002 . ? 1_555 ? 
24 AC3 10 DG A 2  ? DG X 1002 . ? 2_665 ? 
25 AC3 10 DG A 2  ? DG X 1002 . ? 3_656 ? 
26 AC3 10 DG A 2  ? DG X 1002 . ? 4_566 ? 
27 AC3 10 DG A 8  ? DG X 1008 . ? 1_555 ? 
28 AC3 10 DG A 8  ? DG X 1008 . ? 2_665 ? 
29 AC3 10 DG A 8  ? DG X 1008 . ? 3_656 ? 
30 AC3 10 DG A 8  ? DG X 1008 . ? 4_566 ? 
31 AC3 10 K  C .  ? K  X 2014 . ? 2_665 ? 
32 AC3 10 K  C .  ? K  X 2014 . ? 1_555 ? 
33 AC4 8  DG A 4  ? DG X 1004 . ? 1_555 ? 
34 AC4 8  DG A 4  ? DG X 1004 . ? 2_665 ? 
35 AC4 8  DT A 5  ? DT X 1005 . ? 1_555 ? 
36 AC4 8  DG A 10 ? DG X 1010 . ? 1_555 ? 
37 AC4 8  DG A 10 ? DG X 1010 . ? 2_665 ? 
38 AC4 8  DT A 11 ? DT X 1011 . ? 4_565 ? 
39 AC4 8  DT A 11 ? DT X 1011 . ? 1_555 ? 
40 AC4 8  DT A 11 ? DT X 1011 . ? 2_665 ? 
# 
_atom_sites.entry_id                    3QSF 
_atom_sites.fract_transf_matrix[1][1]   -0.01400202 
_atom_sites.fract_transf_matrix[1][2]   -0.00465683 
_atom_sites.fract_transf_matrix[1][3]   0.01727192 
_atom_sites.fract_transf_matrix[2][1]   0.01157554 
_atom_sites.fract_transf_matrix[2][2]   0.00802196 
_atom_sites.fract_transf_matrix[2][3]   0.01154694 
_atom_sites.fract_transf_matrix[3][1]   -0.01379826 
_atom_sites.fract_transf_matrix[3][2]   0.02594347 
_atom_sites.fract_transf_matrix[3][3]   -0.00419116 
_atom_sites.fract_transf_vector[1]      0.437118 
_atom_sites.fract_transf_vector[2]      0.407848 
_atom_sites.fract_transf_vector[3]      0.303711 
# 
loop_
_atom_type.symbol 
C  
F  
K  
N  
NI 
O  
P  
# 
loop_
_atom_site.group_PDB 
_atom_site.id 
_atom_site.type_symbol 
_atom_site.label_atom_id 
_atom_site.label_alt_id 
_atom_site.label_comp_id 
_atom_site.label_asym_id 
_atom_site.label_entity_id 
_atom_site.label_seq_id 
_atom_site.pdbx_PDB_ins_code 
_atom_site.Cartn_x 
_atom_site.Cartn_y 
_atom_site.Cartn_z 
_atom_site.occupancy 
_atom_site.B_iso_or_equiv 
_atom_site.pdbx_formal_charge 
_atom_site.auth_seq_id 
_atom_site.auth_comp_id 
_atom_site.auth_asym_id 
_atom_site.auth_atom_id 
_atom_site.pdbx_PDB_model_num 
ATOM   1   O  "O5'" . DA  A 1 1  ? -6.878  -0.298  8.991   1.00 57.00 ? 1001 DA  X "O5'" 1 
ATOM   2   C  "C5'" . DA  A 1 1  ? -7.426  -1.040  10.076  1.00 58.46 ? 1001 DA  X "C5'" 1 
ATOM   3   C  "C4'" . DA  A 1 1  ? -8.496  -0.243  10.807  1.00 60.16 ? 1001 DA  X "C4'" 1 
ATOM   4   O  "O4'" . DA  A 1 1  ? -7.887  0.631   11.781  1.00 62.28 ? 1001 DA  X "O4'" 1 
ATOM   5   C  "C3'" . DA  A 1 1  ? -9.350  0.690   9.937   1.00 59.70 ? 1001 DA  X "C3'" 1 
ATOM   6   O  "O3'" . DA  A 1 1  ? -10.578 0.037   9.582   1.00 53.56 ? 1001 DA  X "O3'" 1 
ATOM   7   C  "C2'" . DA  A 1 1  ? -9.587  1.928   10.840  1.00 62.04 ? 1001 DA  X "C2'" 1 
ATOM   8   C  "C1'" . DA  A 1 1  ? -8.887  1.551   12.149  1.00 64.25 ? 1001 DA  X "C1'" 1 
ATOM   9   N  N9    . DA  A 1 1  ? -8.294  2.662   12.927  1.00 66.95 ? 1001 DA  X N9    1 
ATOM   10  C  C8    . DA  A 1 1  ? -8.675  3.078   14.185  1.00 68.95 ? 1001 DA  X C8    1 
ATOM   11  N  N7    . DA  A 1 1  ? -7.964  4.078   14.668  1.00 67.60 ? 1001 DA  X N7    1 
ATOM   12  C  C5    . DA  A 1 1  ? -7.038  4.327   13.676  1.00 67.25 ? 1001 DA  X C5    1 
ATOM   13  C  C6    . DA  A 1 1  ? -5.997  5.270   13.577  1.00 66.80 ? 1001 DA  X C6    1 
ATOM   14  N  N6    . DA  A 1 1  ? -5.703  6.158   14.528  1.00 66.35 ? 1001 DA  X N6    1 
ATOM   15  N  N1    . DA  A 1 1  ? -5.268  5.261   12.456  1.00 66.65 ? 1001 DA  X N1    1 
ATOM   16  C  C2    . DA  A 1 1  ? -5.560  4.366   11.499  1.00 67.57 ? 1001 DA  X C2    1 
ATOM   17  N  N3    . DA  A 1 1  ? -6.509  3.431   11.468  1.00 66.90 ? 1001 DA  X N3    1 
ATOM   18  C  C4    . DA  A 1 1  ? -7.224  3.464   12.594  1.00 67.48 ? 1001 DA  X C4    1 
ATOM   19  P  P     . DG  A 1 2  ? -11.219 0.097   8.105   1.00 48.21 ? 1002 DG  X P     1 
ATOM   20  O  OP1   . DG  A 1 2  ? -12.407 0.979   8.178   1.00 45.04 ? 1002 DG  X OP1   1 
ATOM   21  O  OP2   . DG  A 1 2  ? -11.353 -1.309  7.652   1.00 44.76 ? 1002 DG  X OP2   1 
ATOM   22  O  "O5'" . DG  A 1 2  ? -10.148 0.832   7.175   1.00 41.93 ? 1002 DG  X "O5'" 1 
ATOM   23  C  "C5'" . DG  A 1 2  ? -9.324  0.077   6.323   1.00 33.20 ? 1002 DG  X "C5'" 1 
ATOM   24  C  "C4'" . DG  A 1 2  ? -9.285  0.682   4.942   1.00 28.65 ? 1002 DG  X "C4'" 1 
ATOM   25  O  "O4'" . DG  A 1 2  ? -8.948  2.094   5.008   1.00 26.69 ? 1002 DG  X "O4'" 1 
ATOM   26  C  "C3'" . DG  A 1 2  ? -8.237  0.069   4.054   1.00 27.96 ? 1002 DG  X "C3'" 1 
ATOM   27  O  "O3'" . DG  A 1 2  ? -8.778  -1.077  3.413   1.00 27.68 ? 1002 DG  X "O3'" 1 
ATOM   28  C  "C2'" . DG  A 1 2  ? -7.956  1.200   3.065   1.00 25.18 ? 1002 DG  X "C2'" 1 
ATOM   29  C  "C1'" . DG  A 1 2  ? -8.123  2.451   3.906   1.00 19.91 ? 1002 DG  X "C1'" 1 
ATOM   30  N  N9    . DG  A 1 2  ? -6.870  3.054   4.413   1.00 18.63 ? 1002 DG  X N9    1 
ATOM   31  C  C8    . DG  A 1 2  ? -6.568  3.378   5.718   1.00 17.26 ? 1002 DG  X C8    1 
ATOM   32  N  N7    . DG  A 1 2  ? -5.385  3.912   5.880   1.00 14.76 ? 1002 DG  X N7    1 
ATOM   33  C  C5    . DG  A 1 2  ? -4.903  3.998   4.600   1.00 13.30 ? 1002 DG  X C5    1 
ATOM   34  C  C6    . DG  A 1 2  ? -3.675  4.472   4.147   1.00 16.44 ? 1002 DG  X C6    1 
ATOM   35  O  O6    . DG  A 1 2  ? -2.766  4.993   4.794   1.00 22.40 ? 1002 DG  X O6    1 
ATOM   36  N  N1    . DG  A 1 2  ? -3.503  4.309   2.791   1.00 17.15 ? 1002 DG  X N1    1 
ATOM   37  C  C2    . DG  A 1 2  ? -4.438  3.791   1.960   1.00 18.74 ? 1002 DG  X C2    1 
ATOM   38  N  N2    . DG  A 1 2  ? -4.128  3.771   0.668   1.00 23.33 ? 1002 DG  X N2    1 
ATOM   39  N  N3    . DG  A 1 2  ? -5.615  3.346   2.361   1.00 20.52 ? 1002 DG  X N3    1 
ATOM   40  C  C4    . DG  A 1 2  ? -5.785  3.483   3.693   1.00 15.78 ? 1002 DG  X C4    1 
ATOM   41  P  P     . DG  A 1 3  ? -7.930  -2.412  3.296   1.00 30.83 ? 1003 DG  X P     1 
ATOM   42  O  OP1   . DG  A 1 3  ? -8.867  -3.481  2.930   1.00 31.54 ? 1003 DG  X OP1   1 
ATOM   43  O  OP2   . DG  A 1 3  ? -7.037  -2.609  4.448   1.00 26.82 ? 1003 DG  X OP2   1 
ATOM   44  O  "O5'" . DG  A 1 3  ? -7.023  -2.073  2.055   1.00 29.63 ? 1003 DG  X "O5'" 1 
ATOM   45  C  "C5'" . DG  A 1 3  ? -7.595  -1.795  0.816   1.00 31.37 ? 1003 DG  X "C5'" 1 
ATOM   46  C  "C4'" . DG  A 1 3  ? -6.488  -1.501  -0.174  1.00 27.17 ? 1003 DG  X "C4'" 1 
ATOM   47  O  "O4'" . DG  A 1 3  ? -5.959  -0.217  0.187   1.00 25.77 ? 1003 DG  X "O4'" 1 
ATOM   48  C  "C3'" . DG  A 1 3  ? -5.322  -2.477  -0.088  1.00 28.80 ? 1003 DG  X "C3'" 1 
ATOM   49  O  "O3'" . DG  A 1 3  ? -5.441  -3.440  -1.126  1.00 33.45 ? 1003 DG  X "O3'" 1 
ATOM   50  C  "C2'" . DG  A 1 3  ? -4.104  -1.609  -0.322  1.00 28.89 ? 1003 DG  X "C2'" 1 
ATOM   51  C  "C1'" . DG  A 1 3  ? -4.563  -0.200  0.041   1.00 25.03 ? 1003 DG  X "C1'" 1 
ATOM   52  N  N9    . DG  A 1 3  ? -3.954  0.272   1.269   1.00 22.30 ? 1003 DG  X N9    1 
ATOM   53  C  C8    . DG  A 1 3  ? -4.478  0.257   2.543   1.00 20.47 ? 1003 DG  X C8    1 
ATOM   54  N  N7    . DG  A 1 3  ? -3.653  0.683   3.452   1.00 16.37 ? 1003 DG  X N7    1 
ATOM   55  C  C5    . DG  A 1 3  ? -2.518  1.003   2.712   1.00 14.90 ? 1003 DG  X C5    1 
ATOM   56  C  C6    . DG  A 1 3  ? -1.309  1.511   3.141   1.00 13.76 ? 1003 DG  X C6    1 
ATOM   57  O  O6    . DG  A 1 3  ? -1.002  1.883   4.290   1.00 22.28 ? 1003 DG  X O6    1 
ATOM   58  N  N1    . DG  A 1 3  ? -0.411  1.656   2.110   1.00 16.29 ? 1003 DG  X N1    1 
ATOM   59  C  C2    . DG  A 1 3  ? -0.689  1.373   0.787   1.00 20.45 ? 1003 DG  X C2    1 
ATOM   60  N  N2    . DG  A 1 3  ? 0.286   1.587   -0.091  1.00 16.24 ? 1003 DG  X N2    1 
ATOM   61  N  N3    . DG  A 1 3  ? -1.834  0.883   0.368   1.00 19.74 ? 1003 DG  X N3    1 
ATOM   62  C  C4    . DG  A 1 3  ? -2.692  0.738   1.386   1.00 17.09 ? 1003 DG  X C4    1 
ATOM   63  P  P     . DG  A 1 4  ? -4.624  -4.814  -1.089  1.00 37.50 ? 1004 DG  X P     1 
ATOM   64  O  OP1   . DG  A 1 4  ? -5.300  -5.763  -1.993  1.00 36.31 ? 1004 DG  X OP1   1 
ATOM   65  O  OP2   . DG  A 1 4  ? -4.383  -5.181  0.328   1.00 37.15 ? 1004 DG  X OP2   1 
ATOM   66  O  "O5'" . DG  A 1 4  ? -3.221  -4.390  -1.723  1.00 35.21 ? 1004 DG  X "O5'" 1 
ATOM   67  C  "C5'" . DG  A 1 4  ? -3.154  -3.649  -2.946  1.00 33.22 ? 1004 DG  X "C5'" 1 
ATOM   68  C  "C4'" . DG  A 1 4  ? -1.709  -3.517  -3.383  1.00 31.93 ? 1004 DG  X "C4'" 1 
ATOM   69  O  "O4'" . DG  A 1 4  ? -1.024  -2.546  -2.535  1.00 31.88 ? 1004 DG  X "O4'" 1 
ATOM   70  C  "C3'" . DG  A 1 4  ? -0.889  -4.803  -3.248  1.00 32.69 ? 1004 DG  X "C3'" 1 
ATOM   71  O  "O3'" . DG  A 1 4  ? 0.215   -4.731  -4.114  1.00 36.71 ? 1004 DG  X "O3'" 1 
ATOM   72  C  "C2'" . DG  A 1 4  ? -0.414  -4.738  -1.804  1.00 30.21 ? 1004 DG  X "C2'" 1 
ATOM   73  C  "C1'" . DG  A 1 4  ? -0.076  -3.245  -1.689  1.00 31.46 ? 1004 DG  X "C1'" 1 
ATOM   74  N  N9    . DG  A 1 4  ? -0.107  -2.726  -0.291  1.00 27.64 ? 1004 DG  X N9    1 
ATOM   75  C  C8    . DG  A 1 4  ? -1.094  -2.940  0.640   1.00 24.77 ? 1004 DG  X C8    1 
ATOM   76  N  N7    . DG  A 1 4  ? -0.849  -2.406  1.788   1.00 20.98 ? 1004 DG  X N7    1 
ATOM   77  C  C5    . DG  A 1 4  ? 0.359   -1.781  1.617   1.00 20.34 ? 1004 DG  X C5    1 
ATOM   78  C  C6    . DG  A 1 4  ? 1.091   -1.061  2.539   1.00 20.71 ? 1004 DG  X C6    1 
ATOM   79  O  O6    . DG  A 1 4  ? 0.759   -0.758  3.695   1.00 24.12 ? 1004 DG  X O6    1 
ATOM   80  N  N1    . DG  A 1 4  ? 2.293   -0.640  2.023   1.00 18.67 ? 1004 DG  X N1    1 
ATOM   81  C  C2    . DG  A 1 4  ? 2.707   -0.855  0.744   1.00 19.38 ? 1004 DG  X C2    1 
ATOM   82  N  N2    . DG  A 1 4  ? 3.881   -0.332  0.428   1.00 21.82 ? 1004 DG  X N2    1 
ATOM   83  N  N3    . DG  A 1 4  ? 2.030   -1.532  -0.154  1.00 20.48 ? 1004 DG  X N3    1 
ATOM   84  C  C4    . DG  A 1 4  ? 0.846   -1.957  0.356   1.00 22.68 ? 1004 DG  X C4    1 
ATOM   85  P  P     . DT  A 1 5  ? 0.280   -5.641  -5.414  1.00 39.72 ? 1005 DT  X P     1 
ATOM   86  O  OP1   . DT  A 1 5  ? -0.352  -6.940  -5.064  1.00 38.87 ? 1005 DT  X OP1   1 
ATOM   87  O  OP2   . DT  A 1 5  ? 1.671   -5.530  -5.946  1.00 33.95 ? 1005 DT  X OP2   1 
ATOM   88  O  "O5'" . DT  A 1 5  ? -0.702  -4.890  -6.408  1.00 39.03 ? 1005 DT  X "O5'" 1 
ATOM   89  C  "C5'" . DT  A 1 5  ? -0.254  -3.701  -7.071  1.00 42.31 ? 1005 DT  X "C5'" 1 
ATOM   90  C  "C4'" . DT  A 1 5  ? -0.990  -3.501  -8.390  1.00 41.01 ? 1005 DT  X "C4'" 1 
ATOM   91  O  "O4'" . DT  A 1 5  ? -0.331  -4.248  -9.438  1.00 41.87 ? 1005 DT  X "O4'" 1 
ATOM   92  C  "C3'" . DT  A 1 5  ? -2.427  -4.001  -8.403  1.00 40.24 ? 1005 DT  X "C3'" 1 
ATOM   93  O  "O3'" . DT  A 1 5  ? -3.079  -3.327  -9.391  1.00 37.16 ? 1005 DT  X "O3'" 1 
ATOM   94  C  "C2'" . DT  A 1 5  ? -2.240  -5.452  -8.799  1.00 41.72 ? 1005 DT  X "C2'" 1 
ATOM   95  C  "C1'" . DT  A 1 5  ? -1.188  -5.276  -9.881  1.00 45.30 ? 1005 DT  X "C1'" 1 
ATOM   96  N  N1    . DT  A 1 5  ? -0.391  -6.504  -10.175 1.00 52.46 ? 1005 DT  X N1    1 
ATOM   97  C  C2    . DT  A 1 5  ? -0.388  -7.016  -11.467 1.00 55.27 ? 1005 DT  X C2    1 
ATOM   98  O  O2    . DT  A 1 5  ? -0.997  -6.512  -12.398 1.00 55.09 ? 1005 DT  X O2    1 
ATOM   99  N  N3    . DT  A 1 5  ? 0.377   -8.147  -11.629 1.00 58.10 ? 1005 DT  X N3    1 
ATOM   100 C  C4    . DT  A 1 5  ? 1.104   -8.815  -10.651 1.00 59.24 ? 1005 DT  X C4    1 
ATOM   101 O  O4    . DT  A 1 5  ? 1.752   -9.821  -10.896 1.00 61.54 ? 1005 DT  X O4    1 
ATOM   102 C  C5    . DT  A 1 5  ? 1.043   -8.249  -9.321  1.00 58.80 ? 1005 DT  X C5    1 
ATOM   103 C  C7    . DT  A 1 5  ? 1.791   -8.901  -8.186  1.00 59.15 ? 1005 DT  X C7    1 
ATOM   104 C  C6    . DT  A 1 5  ? 0.311   -7.128  -9.150  1.00 56.41 ? 1005 DT  X C6    1 
ATOM   105 P  P     . DT  A 1 6  ? -4.605  -2.982  -9.289  1.00 35.91 ? 1006 DT  X P     1 
ATOM   106 O  OP1   . DT  A 1 6  ? -4.972  -2.771  -7.878  1.00 41.89 ? 1006 DT  X OP1   1 
ATOM   107 O  OP2   . DT  A 1 6  ? -5.376  -3.930  -10.120 1.00 38.35 ? 1006 DT  X OP2   1 
ATOM   108 O  "O5'" . DT  A 1 6  ? -4.604  -1.598  -10.045 1.00 36.40 ? 1006 DT  X "O5'" 1 
ATOM   109 C  "C5'" . DT  A 1 6  ? -4.649  -0.417  -9.333  1.00 35.67 ? 1006 DT  X "C5'" 1 
ATOM   110 C  "C4'" . DT  A 1 6  ? -4.676  0.728   -10.307 1.00 35.09 ? 1006 DT  X "C4'" 1 
ATOM   111 O  "O4'" . DT  A 1 6  ? -3.631  0.525   -11.309 1.00 36.01 ? 1006 DT  X "O4'" 1 
ATOM   112 C  "C3'" . DT  A 1 6  ? -5.978  0.892   -11.071 1.00 33.80 ? 1006 DT  X "C3'" 1 
ATOM   113 O  "O3'" . DT  A 1 6  ? -6.194  2.270   -11.279 1.00 34.74 ? 1006 DT  X "O3'" 1 
ATOM   114 C  "C2'" . DT  A 1 6  ? -5.649  0.218   -12.397 1.00 32.96 ? 1006 DT  X "C2'" 1 
ATOM   115 C  "C1'" . DT  A 1 6  ? -4.194  0.622   -12.593 1.00 33.08 ? 1006 DT  X "C1'" 1 
ATOM   116 N  N1    . DT  A 1 6  ? -3.438  -0.287  -13.534 1.00 31.36 ? 1006 DT  X N1    1 
ATOM   117 C  C2    . DT  A 1 6  ? -3.106  0.168   -14.793 1.00 29.10 ? 1006 DT  X C2    1 
ATOM   118 O  O2    . DT  A 1 6  ? -3.357  1.291   -15.185 1.00 27.76 ? 1006 DT  X O2    1 
ATOM   119 N  N3    . DT  A 1 6  ? -2.472  -0.734  -15.578 1.00 26.01 ? 1006 DT  X N3    1 
ATOM   120 C  C4    . DT  A 1 6  ? -2.148  -2.030  -15.253 1.00 29.12 ? 1006 DT  X C4    1 
ATOM   121 O  O4    . DT  A 1 6  ? -1.563  -2.764  -16.043 1.00 30.58 ? 1006 DT  X O4    1 
ATOM   122 C  C5    . DT  A 1 6  ? -2.541  -2.457  -13.919 1.00 31.01 ? 1006 DT  X C5    1 
ATOM   123 C  C7    . DT  A 1 6  ? -2.240  -3.842  -13.419 1.00 27.21 ? 1006 DT  X C7    1 
ATOM   124 C  C6    . DT  A 1 6  ? -3.164  -1.571  -13.144 1.00 31.06 ? 1006 DT  X C6    1 
ATOM   125 P  P     . DA  A 1 7  ? -7.357  3.056   -10.537 1.00 34.92 ? 1007 DA  X P     1 
ATOM   126 O  OP1   . DA  A 1 7  ? -8.517  2.141   -10.383 1.00 33.71 ? 1007 DA  X OP1   1 
ATOM   127 O  OP2   . DA  A 1 7  ? -7.500  4.378   -11.194 1.00 33.18 ? 1007 DA  X OP2   1 
ATOM   128 O  "O5'" . DA  A 1 7  ? -6.718  3.295   -9.078  1.00 36.77 ? 1007 DA  X "O5'" 1 
ATOM   129 C  "C5'" . DA  A 1 7  ? -5.637  4.221   -8.867  1.00 32.40 ? 1007 DA  X "C5'" 1 
ATOM   130 C  "C4'" . DA  A 1 7  ? -5.267  4.282   -7.392  1.00 26.68 ? 1007 DA  X "C4'" 1 
ATOM   131 O  "O4'" . DA  A 1 7  ? -6.469  4.494   -6.628  1.00 27.01 ? 1007 DA  X "O4'" 1 
ATOM   132 C  "C3'" . DA  A 1 7  ? -4.655  3.018   -6.840  1.00 24.82 ? 1007 DA  X "C3'" 1 
ATOM   133 O  "O3'" . DA  A 1 7  ? -3.819  3.336   -5.798  1.00 21.09 ? 1007 DA  X "O3'" 1 
ATOM   134 C  "C2'" . DA  A 1 7  ? -5.874  2.265   -6.348  1.00 27.17 ? 1007 DA  X "C2'" 1 
ATOM   135 C  "C1'" . DA  A 1 7  ? -6.715  3.398   -5.789  1.00 27.05 ? 1007 DA  X "C1'" 1 
ATOM   136 N  N9    . DA  A 1 7  ? -8.140  3.115   -5.774  1.00 29.11 ? 1007 DA  X N9    1 
ATOM   137 C  C8    . DA  A 1 7  ? -8.829  2.407   -6.702  1.00 33.55 ? 1007 DA  X C8    1 
ATOM   138 N  N7    . DA  A 1 7  ? -10.110 2.287   -6.439  1.00 34.14 ? 1007 DA  X N7    1 
ATOM   139 C  C5    . DA  A 1 7  ? -10.263 2.948   -5.250  1.00 34.42 ? 1007 DA  X C5    1 
ATOM   140 C  C6    . DA  A 1 7  ? -11.390 3.169   -4.436  1.00 37.99 ? 1007 DA  X C6    1 
ATOM   141 N  N6    . DA  A 1 7  ? -12.625 2.721   -4.741  1.00 36.76 ? 1007 DA  X N6    1 
ATOM   142 N  N1    . DA  A 1 7  ? -11.200 3.877   -3.296  1.00 38.27 ? 1007 DA  X N1    1 
ATOM   143 C  C2    . DA  A 1 7  ? -9.975  4.324   -3.020  1.00 34.36 ? 1007 DA  X C2    1 
ATOM   144 N  N3    . DA  A 1 7  ? -8.851  4.157   -3.696  1.00 33.76 ? 1007 DA  X N3    1 
ATOM   145 C  C4    . DA  A 1 7  ? -9.061  3.463   -4.818  1.00 32.19 ? 1007 DA  X C4    1 
ATOM   146 P  P     . DG  A 1 8  ? -2.853  2.232   -5.192  1.00 26.54 ? 1008 DG  X P     1 
ATOM   147 O  OP1   . DG  A 1 8  ? -2.505  1.246   -6.213  1.00 26.09 ? 1008 DG  X OP1   1 
ATOM   148 O  OP2   . DG  A 1 8  ? -3.351  1.778   -3.884  1.00 26.37 ? 1008 DG  X OP2   1 
ATOM   149 O  "O5'" . DG  A 1 8  ? -1.574  3.113   -4.886  1.00 27.78 ? 1008 DG  X "O5'" 1 
ATOM   150 C  "C5'" . DG  A 1 8  ? -1.037  3.942   -5.874  1.00 24.93 ? 1008 DG  X "C5'" 1 
ATOM   151 C  "C4'" . DG  A 1 8  ? 0.352   4.327   -5.459  1.00 21.13 ? 1008 DG  X "C4'" 1 
ATOM   152 O  "O4'" . DG  A 1 8  ? 0.223   5.124   -4.244  1.00 22.83 ? 1008 DG  X "O4'" 1 
ATOM   153 C  "C3'" . DG  A 1 8  ? 1.206   3.129   -5.089  1.00 20.59 ? 1008 DG  X "C3'" 1 
ATOM   154 O  "O3'" . DG  A 1 8  ? 2.585   3.336   -5.437  1.00 26.27 ? 1008 DG  X "O3'" 1 
ATOM   155 C  "C2'" . DG  A 1 8  ? 0.991   3.042   -3.591  1.00 16.76 ? 1008 DG  X "C2'" 1 
ATOM   156 C  "C1'" . DG  A 1 8  ? 0.868   4.490   -3.175  1.00 14.02 ? 1008 DG  X "C1'" 1 
ATOM   157 N  N9    . DG  A 1 8  ? 0.119   4.627   -1.926  1.00 13.16 ? 1008 DG  X N9    1 
ATOM   158 C  C8    . DG  A 1 8  ? -1.072  4.006   -1.579  1.00 16.92 ? 1008 DG  X C8    1 
ATOM   159 N  N7    . DG  A 1 8  ? -1.453  4.221   -0.349  1.00 13.42 ? 1008 DG  X N7    1 
ATOM   160 C  C5    . DG  A 1 8  ? -0.451  5.057   0.137   1.00 10.14 ? 1008 DG  X C5    1 
ATOM   161 C  C6    . DG  A 1 8  ? -0.273  5.571   1.413   1.00 12.38 ? 1008 DG  X C6    1 
ATOM   162 O  O6    . DG  A 1 8  ? -1.042  5.497   2.411   1.00 15.04 ? 1008 DG  X O6    1 
ATOM   163 N  N1    . DG  A 1 8  ? 0.918   6.268   1.531   1.00 12.14 ? 1008 DG  X N1    1 
ATOM   164 C  C2    . DG  A 1 8  ? 1.801   6.517   0.532   1.00 13.31 ? 1008 DG  X C2    1 
ATOM   165 N  N2    . DG  A 1 8  ? 2.880   7.267   0.855   1.00 14.14 ? 1008 DG  X N2    1 
ATOM   166 N  N3    . DG  A 1 8  ? 1.682   5.982   -0.667  1.00 15.24 ? 1008 DG  X N3    1 
ATOM   167 C  C4    . DG  A 1 8  ? 0.522   5.284   -0.798  1.00 12.69 ? 1008 DG  X C4    1 
ATOM   168 P  P     . DG  A 1 9  ? 3.692   2.162   -5.323  1.00 31.12 ? 1009 DG  X P     1 
ATOM   169 O  OP1   . DG  A 1 9  ? 4.377   2.056   -6.617  1.00 35.82 ? 1009 DG  X OP1   1 
ATOM   170 O  OP2   . DG  A 1 9  ? 3.118   0.960   -4.689  1.00 30.11 ? 1009 DG  X OP2   1 
ATOM   171 O  "O5'" . DG  A 1 9  ? 4.708   2.814   -4.308  1.00 32.05 ? 1009 DG  X "O5'" 1 
ATOM   172 C  "C5'" . DG  A 1 9  ? 5.131   4.148   -4.506  1.00 31.40 ? 1009 DG  X "C5'" 1 
ATOM   173 C  "C4'" . DG  A 1 9  ? 6.093   4.498   -3.399  1.00 30.50 ? 1009 DG  X "C4'" 1 
ATOM   174 O  "O4'" . DG  A 1 9  ? 5.315   4.844   -2.243  1.00 23.38 ? 1009 DG  X "O4'" 1 
ATOM   175 C  "C3'" . DG  A 1 9  ? 6.950   3.302   -3.000  1.00 32.67 ? 1009 DG  X "C3'" 1 
ATOM   176 O  "O3'" . DG  A 1 9  ? 8.342   3.607   -2.939  1.00 41.55 ? 1009 DG  X "O3'" 1 
ATOM   177 C  "C2'" . DG  A 1 9  ? 6.404   2.879   -1.667  1.00 26.51 ? 1009 DG  X "C2'" 1 
ATOM   178 C  "C1'" . DG  A 1 9  ? 5.774   4.135   -1.137  1.00 22.86 ? 1009 DG  X "C1'" 1 
ATOM   179 N  N9    . DG  A 1 9  ? 4.646   3.786   -0.276  1.00 21.29 ? 1009 DG  X N9    1 
ATOM   180 C  C8    . DG  A 1 9  ? 3.595   2.977   -0.614  1.00 17.96 ? 1009 DG  X C8    1 
ATOM   181 N  N7    . DG  A 1 9  ? 2.767   2.763   0.367   1.00 19.61 ? 1009 DG  X N7    1 
ATOM   182 C  C5    . DG  A 1 9  ? 3.297   3.507   1.430   1.00 17.35 ? 1009 DG  X C5    1 
ATOM   183 C  C6    . DG  A 1 9  ? 2.847   3.647   2.752   1.00 18.76 ? 1009 DG  X C6    1 
ATOM   184 O  O6    . DG  A 1 9  ? 1.804   3.183   3.260   1.00 27.16 ? 1009 DG  X O6    1 
ATOM   185 N  N1    . DG  A 1 9  ? 3.707   4.429   3.535   1.00 16.45 ? 1009 DG  X N1    1 
ATOM   186 C  C2    . DG  A 1 9  ? 4.861   5.009   3.073   1.00 13.36 ? 1009 DG  X C2    1 
ATOM   187 N  N2    . DG  A 1 9  ? 5.568   5.728   3.956   1.00 8.91  ? 1009 DG  X N2    1 
ATOM   188 N  N3    . DG  A 1 9  ? 5.279   4.894   1.833   1.00 13.85 ? 1009 DG  X N3    1 
ATOM   189 C  C4    . DG  A 1 9  ? 4.463   4.120   1.067   1.00 17.50 ? 1009 DG  X C4    1 
ATOM   190 P  P     . DG  A 1 10 ? 9.429   2.413   -3.130  1.00 48.24 ? 1010 DG  X P     1 
ATOM   191 O  OP1   . DG  A 1 10 ? 10.476  2.946   -4.055  1.00 48.49 ? 1010 DG  X OP1   1 
ATOM   192 O  OP2   . DG  A 1 10 ? 8.714   1.135   -3.418  1.00 42.81 ? 1010 DG  X OP2   1 
ATOM   193 O  "O5'" . DG  A 1 10 ? 10.080  2.248   -1.679  1.00 45.83 ? 1010 DG  X "O5'" 1 
ATOM   194 C  "C5'" . DG  A 1 10 ? 10.649  3.385   -1.017  1.00 43.73 ? 1010 DG  X "C5'" 1 
ATOM   195 C  "C4'" . DG  A 1 10 ? 10.707  3.134   0.482   1.00 41.17 ? 1010 DG  X "C4'" 1 
ATOM   196 O  "O4'" . DG  A 1 10 ? 9.361   3.239   1.059   1.00 37.60 ? 1010 DG  X "O4'" 1 
ATOM   197 C  "C3'" . DG  A 1 10 ? 11.248  1.754   0.878   1.00 41.01 ? 1010 DG  X "C3'" 1 
ATOM   198 O  "O3'" . DG  A 1 10 ? 12.444  1.863   1.710   1.00 46.39 ? 1010 DG  X "O3'" 1 
ATOM   199 C  "C2'" . DG  A 1 10 ? 10.090  1.117   1.635   1.00 36.75 ? 1010 DG  X "C2'" 1 
ATOM   200 C  "C1'" . DG  A 1 10 ? 9.260   2.315   2.097   1.00 30.83 ? 1010 DG  X "C1'" 1 
ATOM   201 N  N9    . DG  A 1 10 ? 7.882   1.937   2.316   1.00 23.90 ? 1010 DG  X N9    1 
ATOM   202 C  C8    . DG  A 1 10 ? 7.042   1.286   1.442   1.00 22.42 ? 1010 DG  X C8    1 
ATOM   203 N  N7    . DG  A 1 10 ? 5.894   0.952   1.984   1.00 20.95 ? 1010 DG  X N7    1 
ATOM   204 C  C5    . DG  A 1 10 ? 6.003   1.396   3.282   1.00 16.18 ? 1010 DG  X C5    1 
ATOM   205 C  C6    . DG  A 1 10 ? 5.091   1.335   4.311   1.00 16.35 ? 1010 DG  X C6    1 
ATOM   206 O  O6    . DG  A 1 10 ? 3.933   0.936   4.273   1.00 21.15 ? 1010 DG  X O6    1 
ATOM   207 N  N1    . DG  A 1 10 ? 5.584   1.864   5.485   1.00 17.76 ? 1010 DG  X N1    1 
ATOM   208 C  C2    . DG  A 1 10 ? 6.802   2.466   5.611   1.00 18.02 ? 1010 DG  X C2    1 
ATOM   209 N  N2    . DG  A 1 10 ? 7.103   2.950   6.821   1.00 17.23 ? 1010 DG  X N2    1 
ATOM   210 N  N3    . DG  A 1 10 ? 7.671   2.568   4.625   1.00 20.54 ? 1010 DG  X N3    1 
ATOM   211 C  C4    . DG  A 1 10 ? 7.211   1.988   3.502   1.00 20.45 ? 1010 DG  X C4    1 
ATOM   212 P  P     . DT  A 1 11 ? 13.466  0.621   1.851   0.50 46.76 ? 1011 DT  X P     1 
ATOM   213 O  OP1   . DT  A 1 11 ? 14.807  1.221   1.990   0.50 45.36 ? 1011 DT  X OP1   1 
ATOM   214 O  OP2   . DT  A 1 11 ? 13.191  -0.366  0.774   0.50 45.24 ? 1011 DT  X OP2   1 
ATOM   215 O  "O5'" . DT  A 1 11 ? 13.052  -0.068  3.241   0.50 46.59 ? 1011 DT  X "O5'" 1 
ATOM   216 C  "C5'" . DT  A 1 11 ? 12.293  -1.284  3.239   0.50 46.69 ? 1011 DT  X "C5'" 1 
ATOM   217 C  "C4'" . DT  A 1 11 ? 12.429  -2.016  4.570   0.50 46.68 ? 1011 DT  X "C4'" 1 
ATOM   218 O  "O4'" . DT  A 1 11 ? 11.138  -2.140  5.219   0.50 45.39 ? 1011 DT  X "O4'" 1 
ATOM   219 C  "C3'" . DT  A 1 11 ? 12.937  -3.457  4.466   0.50 46.84 ? 1011 DT  X "C3'" 1 
ATOM   220 O  "O3'" . DT  A 1 11 ? 14.362  -3.504  4.635   0.50 47.24 ? 1011 DT  X "O3'" 1 
ATOM   221 C  "C2'" . DT  A 1 11 ? 12.191  -4.213  5.587   0.50 45.35 ? 1011 DT  X "C2'" 1 
ATOM   222 C  "C1'" . DT  A 1 11 ? 11.273  -3.148  6.198   0.50 43.48 ? 1011 DT  X "C1'" 1 
ATOM   223 N  N1    . DT  A 1 11 ? 9.903   -3.660  6.668   0.50 41.27 ? 1011 DT  X N1    1 
ATOM   224 C  C2    . DT  A 1 11 ? 8.962   -4.134  5.760   0.50 39.52 ? 1011 DT  X C2    1 
ATOM   225 O  O2    . DT  A 1 11 ? 9.144   -4.163  4.554   0.50 38.88 ? 1011 DT  X O2    1 
ATOM   226 N  N3    . DT  A 1 11 ? 7.779   -4.574  6.332   0.50 38.66 ? 1011 DT  X N3    1 
ATOM   227 C  C4    . DT  A 1 11 ? 7.444   -4.584  7.697   0.50 38.63 ? 1011 DT  X C4    1 
ATOM   228 O  O4    . DT  A 1 11 ? 6.361   -4.991  8.130   0.50 36.72 ? 1011 DT  X O4    1 
ATOM   229 C  C5    . DT  A 1 11 ? 8.463   -4.086  8.583   0.50 38.98 ? 1011 DT  X C5    1 
ATOM   230 C  C7    . DT  A 1 11 ? 8.207   -4.063  10.070  0.50 37.65 ? 1011 DT  X C7    1 
ATOM   231 C  C6    . DT  A 1 11 ? 9.628   -3.661  8.036   0.50 40.75 ? 1011 DT  X C6    1 
HETATM 232 K  K     . K   B 2 .  ? 1.637   1.423   5.352   0.50 30.87 ? 2013 K   X K     1 
HETATM 233 K  K     . K   C 2 .  ? -0.069  4.630   4.833   0.50 24.25 ? 2014 K   X K     1 
HETATM 234 K  K     . K   D 2 .  ? -1.167  6.695   4.499   0.25 4.51  ? 2015 K   X K     1 
HETATM 235 C  C1    . NUF E 3 .  ? 3.559   -3.978  2.615   0.50 33.32 ? 3016 NUF X C1    1 
HETATM 236 F  F1    . NUF E 3 .  ? 0.581   -4.104  10.614  0.50 28.33 ? 3016 NUF X F1    1 
HETATM 237 N  N1    . NUF E 3 .  ? 2.328   -3.769  5.424   0.50 29.85 ? 3016 NUF X N1    1 
HETATM 238 O  O1    . NUF E 3 .  ? 4.325   -3.125  3.352   0.50 30.94 ? 3016 NUF X O1    1 
HETATM 239 NI NI1   . NUF E 3 .  ? 4.020   -2.753  5.295   0.50 32.96 ? 3016 NUF X NI1   1 
HETATM 240 C  C2    . NUF E 3 .  ? 3.900   -4.177  1.283   0.50 34.34 ? 3016 NUF X C2    1 
HETATM 241 F  F2    . NUF E 3 .  ? -0.788  -5.389  8.648   0.50 28.99 ? 3016 NUF X F2    1 
HETATM 242 N  N2    . NUF E 3 .  ? 3.727   -2.487  7.257   0.50 30.81 ? 3016 NUF X N2    1 
HETATM 243 O  O2    . NUF E 3 .  ? 5.768   -1.796  5.235   0.50 31.05 ? 3016 NUF X O2    1 
HETATM 244 C  C3    . NUF E 3 .  ? 3.122   -4.999  0.480   0.50 35.71 ? 3016 NUF X C3    1 
HETATM 245 N  N3    . NUF E 3 .  ? 3.542   -8.157  -2.914  0.50 49.76 ? 3016 NUF X N3    1 
HETATM 246 O  O3    . NUF E 3 .  ? 3.470   -5.220  -0.815  0.50 39.19 ? 3016 NUF X O3    1 
HETATM 247 C  C4    . NUF E 3 .  ? 1.990   -5.632  0.977   0.50 35.07 ? 3016 NUF X C4    1 
HETATM 248 N  N4    . NUF E 3 .  ? 12.070  2.971   7.648   0.50 47.13 ? 3016 NUF X N4    1 
HETATM 249 O  O4    . NUF E 3 .  ? 9.653   0.327   6.842   0.50 40.35 ? 3016 NUF X O4    1 
HETATM 250 C  C5    . NUF E 3 .  ? 1.589   -5.454  2.288   0.50 33.35 ? 3016 NUF X C5    1 
HETATM 251 C  C6    . NUF E 3 .  ? 2.328   -4.646  3.144   0.50 33.65 ? 3016 NUF X C6    1 
HETATM 252 C  C7    . NUF E 3 .  ? 1.840   -4.512  4.538   0.50 31.10 ? 3016 NUF X C7    1 
HETATM 253 C  C8    . NUF E 3 .  ? 1.824   -3.812  6.721   0.50 29.37 ? 3016 NUF X C8    1 
HETATM 254 C  C9    . NUF E 3 .  ? 0.728   -4.589  7.037   0.50 29.14 ? 3016 NUF X C9    1 
HETATM 255 C  C10   . NUF E 3 .  ? 0.311   -4.670  8.350   0.50 27.75 ? 3016 NUF X C10   1 
HETATM 256 C  C11   . NUF E 3 .  ? 1.015   -4.013  9.344   0.50 27.42 ? 3016 NUF X C11   1 
HETATM 257 C  C12   . NUF E 3 .  ? 2.168   -3.268  9.031   0.50 27.38 ? 3016 NUF X C12   1 
HETATM 258 C  C13   . NUF E 3 .  ? 2.550   -3.151  7.702   0.50 28.58 ? 3016 NUF X C13   1 
HETATM 259 C  C14   . NUF E 3 .  ? 4.593   -2.038  8.075   0.50 30.50 ? 3016 NUF X C14   1 
HETATM 260 C  C15   . NUF E 3 .  ? 5.915   -1.417  7.716   0.50 31.73 ? 3016 NUF X C15   1 
HETATM 261 C  C16   . NUF E 3 .  ? 6.714   -0.886  8.741   0.50 33.56 ? 3016 NUF X C16   1 
HETATM 262 C  C17   . NUF E 3 .  ? 7.954   -0.298  8.462   0.50 34.54 ? 3016 NUF X C17   1 
HETATM 263 C  C18   . NUF E 3 .  ? 8.424   -0.231  7.145   0.50 36.65 ? 3016 NUF X C18   1 
HETATM 264 C  C19   . NUF E 3 .  ? 7.672   -0.753  6.109   0.50 33.50 ? 3016 NUF X C19   1 
HETATM 265 C  C20   . NUF E 3 .  ? 6.440   -1.338  6.329   0.50 31.88 ? 3016 NUF X C20   1 
HETATM 266 C  C21   . NUF E 3 .  ? 2.869   -6.326  -1.480  0.50 42.95 ? 3016 NUF X C21   1 
HETATM 267 C  C22   . NUF E 3 .  ? 3.881   -7.451  -1.668  0.50 46.43 ? 3016 NUF X C22   1 
HETATM 268 C  C23   . NUF E 3 .  ? 3.708   -9.608  -2.744  0.50 50.85 ? 3016 NUF X C23   1 
HETATM 269 C  C24   . NUF E 3 .  ? 3.209   -10.315 -4.003  0.50 51.23 ? 3016 NUF X C24   1 
HETATM 270 C  C25   . NUF E 3 .  ? 3.999   -9.833  -5.202  0.50 50.69 ? 3016 NUF X C25   1 
HETATM 271 C  C26   . NUF E 3 .  ? 3.959   -8.327  -5.308  0.50 51.04 ? 3016 NUF X C26   1 
HETATM 272 C  C27   . NUF E 3 .  ? 4.402   -7.681  -4.014  0.50 50.81 ? 3016 NUF X C27   1 
HETATM 273 C  C28   . NUF E 3 .  ? 10.184  1.427   7.578   0.50 43.10 ? 3016 NUF X C28   1 
HETATM 274 C  C29   . NUF E 3 .  ? 11.357  2.015   6.791   0.50 45.01 ? 3016 NUF X C29   1 
HETATM 275 C  C30   . NUF E 3 .  ? 12.303  2.389   8.980   0.50 47.33 ? 3016 NUF X C30   1 
HETATM 276 C  C31   . NUF E 3 .  ? 12.839  3.472   9.914   0.50 47.13 ? 3016 NUF X C31   1 
HETATM 277 C  C32   . NUF E 3 .  ? 14.116  4.093   9.357   0.50 47.85 ? 3016 NUF X C32   1 
HETATM 278 C  C33   . NUF E 3 .  ? 13.981  4.464   7.874   0.50 48.61 ? 3016 NUF X C33   1 
HETATM 279 C  C34   . NUF E 3 .  ? 13.359  3.335   7.050   0.50 47.61 ? 3016 NUF X C34   1 
HETATM 280 O  O     . HOH F 4 .  ? -7.690  3.315   0.256   1.00 19.24 ? 1    HOH X O     1 
HETATM 281 O  O     . HOH F 4 .  ? -4.762  -0.785  -4.404  1.00 33.97 ? 2    HOH X O     1 
HETATM 282 O  O     . HOH F 4 .  ? 0.941   -0.483  -2.755  1.00 29.27 ? 3    HOH X O     1 
HETATM 283 O  O     . HOH F 4 .  ? -9.104  -0.305  -9.687  1.00 31.59 ? 4    HOH X O     1 
HETATM 284 O  O     . HOH F 4 .  ? 2.401   3.266   -8.884  1.00 32.20 ? 5    HOH X O     1 
HETATM 285 O  O     . HOH F 4 .  ? -14.129 2.958   8.107   1.00 36.09 ? 6    HOH X O     1 
HETATM 286 O  O     . HOH F 4 .  ? -4.786  -6.430  -12.438 1.00 47.73 ? 7    HOH X O     1 
HETATM 287 O  O     . HOH F 4 .  ? -12.799 1.762   -7.236  1.00 42.04 ? 8    HOH X O     1 
HETATM 288 O  O     . HOH F 4 .  ? -15.048 -6.875  3.940   1.00 43.29 ? 9    HOH X O     1 
HETATM 289 O  O     . HOH F 4 .  ? 6.285   3.627   -9.789  1.00 51.09 ? 10   HOH X O     1 
HETATM 290 O  O     . HOH F 4 .  ? 11.473  10.123  11.402  1.00 29.52 ? 11   HOH X O     1 
HETATM 291 O  O     . HOH F 4 .  ? 3.491   -2.903  -6.706  1.00 46.77 ? 12   HOH X O     1 
HETATM 292 O  O     . HOH F 4 .  ? -1.410  0.205   -2.868  1.00 33.51 ? 13   HOH X O     1 
HETATM 293 O  O     . HOH F 4 .  ? 10.901  5.144   -4.570  1.00 56.35 ? 14   HOH X O     1 
HETATM 294 O  O     . HOH F 4 .  ? -14.821 0.005   -9.800  1.00 44.51 ? 15   HOH X O     1 
HETATM 295 O  O     . HOH F 4 .  ? -16.570 4.281   -8.843  1.00 48.62 ? 16   HOH X O     1 
HETATM 296 O  O     . HOH F 4 .  ? -4.674  3.048   -15.509 1.00 42.08 ? 17   HOH X O     1 
HETATM 297 O  O     . HOH F 4 .  ? -7.412  -1.034  -7.121  1.00 35.97 ? 18   HOH X O     1 
HETATM 298 O  O     . HOH F 4 .  ? -12.277 -2.023  4.842   1.00 58.74 ? 19   HOH X O     1 
HETATM 299 O  O     . HOH F 4 .  ? 5.629   -6.103  6.480   0.50 51.79 ? 20   HOH X O     1 
# 
loop_
_pdbx_poly_seq_scheme.asym_id 
_pdbx_poly_seq_scheme.entity_id 
_pdbx_poly_seq_scheme.seq_id 
_pdbx_poly_seq_scheme.mon_id 
_pdbx_poly_seq_scheme.ndb_seq_num 
_pdbx_poly_seq_scheme.pdb_seq_num 
_pdbx_poly_seq_scheme.auth_seq_num 
_pdbx_poly_seq_scheme.pdb_mon_id 
_pdbx_poly_seq_scheme.auth_mon_id 
_pdbx_poly_seq_scheme.pdb_strand_id 
_pdbx_poly_seq_scheme.pdb_ins_code 
_pdbx_poly_seq_scheme.hetero 
A 1 1  DA 1  1001 1001 DA A X . n 
A 1 2  DG 2  1002 1002 DG G X . n 
A 1 3  DG 3  1003 1003 DG G X . n 
A 1 4  DG 4  1004 1004 DG G X . n 
A 1 5  DT 5  1005 1005 DT T X . n 
A 1 6  DT 6  1006 1006 DT T X . n 
A 1 7  DA 7  1007 1007 DA A X . n 
A 1 8  DG 8  1008 1008 DG G X . n 
A 1 9  DG 9  1009 1009 DG G X . n 
A 1 10 DG 10 1010 1010 DG G X . n 
A 1 11 DT 11 1011 1011 DT T X . n 
A 1 12 DT 12 1012 ?    ?  ? X . n 
# 
loop_
_pdbx_nonpoly_scheme.asym_id 
_pdbx_nonpoly_scheme.entity_id 
_pdbx_nonpoly_scheme.mon_id 
_pdbx_nonpoly_scheme.ndb_seq_num 
_pdbx_nonpoly_scheme.pdb_seq_num 
_pdbx_nonpoly_scheme.auth_seq_num 
_pdbx_nonpoly_scheme.pdb_mon_id 
_pdbx_nonpoly_scheme.auth_mon_id 
_pdbx_nonpoly_scheme.pdb_strand_id 
_pdbx_nonpoly_scheme.pdb_ins_code 
B 2 K   1  2013 2013 K   K   X . 
C 2 K   1  2014 2014 K   K   X . 
D 2 K   1  2015 2015 K   K   X . 
E 3 NUF 1  3016 3016 NUF NUF X . 
F 4 HOH 1  1    1    HOH HOH X . 
F 4 HOH 2  2    2    HOH HOH X . 
F 4 HOH 3  3    3    HOH HOH X . 
F 4 HOH 4  4    4    HOH HOH X . 
F 4 HOH 5  5    5    HOH HOH X . 
F 4 HOH 6  6    6    HOH HOH X . 
F 4 HOH 7  7    7    HOH HOH X . 
F 4 HOH 8  8    8    HOH HOH X . 
F 4 HOH 9  9    9    HOH HOH X . 
F 4 HOH 10 10   10   HOH HOH X . 
F 4 HOH 11 11   11   HOH HOH X . 
F 4 HOH 12 12   12   HOH HOH X . 
F 4 HOH 13 13   13   HOH HOH X . 
F 4 HOH 14 14   14   HOH HOH X . 
F 4 HOH 15 15   15   HOH HOH X . 
F 4 HOH 16 16   16   HOH HOH X . 
F 4 HOH 17 17   17   HOH HOH X . 
F 4 HOH 18 18   18   HOH HOH X . 
F 4 HOH 19 19   19   HOH HOH X . 
F 4 HOH 20 20   20   HOH HOH X . 
# 
_pdbx_struct_assembly.id                   1 
_pdbx_struct_assembly.details              author_and_software_defined_assembly 
_pdbx_struct_assembly.method_details       PISA 
_pdbx_struct_assembly.oligomeric_details   dimeric 
_pdbx_struct_assembly.oligomeric_count     2 
# 
_pdbx_struct_assembly_gen.assembly_id       1 
_pdbx_struct_assembly_gen.oper_expression   1,2 
_pdbx_struct_assembly_gen.asym_id_list      A,B,C,D,E,F 
# 
loop_
_pdbx_struct_assembly_prop.biol_id 
_pdbx_struct_assembly_prop.type 
_pdbx_struct_assembly_prop.value 
_pdbx_struct_assembly_prop.details 
1 'ABSA (A^2)' 1730 ? 
1 MORE         -1   ? 
1 'SSA (A^2)'  4770 ? 
# 
loop_
_pdbx_struct_oper_list.id 
_pdbx_struct_oper_list.type 
_pdbx_struct_oper_list.name 
_pdbx_struct_oper_list.symmetry_operation 
_pdbx_struct_oper_list.matrix[1][1] 
_pdbx_struct_oper_list.matrix[1][2] 
_pdbx_struct_oper_list.matrix[1][3] 
_pdbx_struct_oper_list.vector[1] 
_pdbx_struct_oper_list.matrix[2][1] 
_pdbx_struct_oper_list.matrix[2][2] 
_pdbx_struct_oper_list.matrix[2][3] 
_pdbx_struct_oper_list.vector[2] 
_pdbx_struct_oper_list.matrix[3][1] 
_pdbx_struct_oper_list.matrix[3][2] 
_pdbx_struct_oper_list.matrix[3][3] 
_pdbx_struct_oper_list.vector[3] 
1 'identity operation'         1_555 x,y,z       1.0000000000  0.0000000000  0.0000000000 0.0000000000 0.0000000000  1.0000000000 0.0000000000  0.0000000000 0.0000000000 0.0000000000  1.0000000000  0.0000000000  
2 'crystal symmetry operation' 2_665 -x+1,-y+1,z -0.5677925435 -0.8126357946 0.1312809696 3.0199929873 -0.8126357946 0.5279165702 -0.2468342770 3.3227841604 0.1312809696 -0.2468342770 -0.9601240267 10.6256821745 
# 
loop_
_pdbx_struct_special_symmetry.id 
_pdbx_struct_special_symmetry.PDB_model_num 
_pdbx_struct_special_symmetry.auth_asym_id 
_pdbx_struct_special_symmetry.auth_comp_id 
_pdbx_struct_special_symmetry.auth_seq_id 
_pdbx_struct_special_symmetry.PDB_ins_code 
_pdbx_struct_special_symmetry.label_asym_id 
_pdbx_struct_special_symmetry.label_comp_id 
_pdbx_struct_special_symmetry.label_seq_id 
1 1 X K   2013 ? B K   . 
2 1 X K   2014 ? C K   . 
3 1 X K   2015 ? D K   . 
4 1 X HOH 20   ? F HOH . 
# 
loop_
_pdbx_struct_conn_angle.id 
_pdbx_struct_conn_angle.ptnr1_label_atom_id 
_pdbx_struct_conn_angle.ptnr1_label_alt_id 
_pdbx_struct_conn_angle.ptnr1_label_asym_id 
_pdbx_struct_conn_angle.ptnr1_label_comp_id 
_pdbx_struct_conn_angle.ptnr1_label_seq_id 
_pdbx_struct_conn_angle.ptnr1_auth_atom_id 
_pdbx_struct_conn_angle.ptnr1_auth_asym_id 
_pdbx_struct_conn_angle.ptnr1_auth_comp_id 
_pdbx_struct_conn_angle.ptnr1_auth_seq_id 
_pdbx_struct_conn_angle.ptnr1_PDB_ins_code 
_pdbx_struct_conn_angle.ptnr1_symmetry 
_pdbx_struct_conn_angle.ptnr2_label_atom_id 
_pdbx_struct_conn_angle.ptnr2_label_alt_id 
_pdbx_struct_conn_angle.ptnr2_label_asym_id 
_pdbx_struct_conn_angle.ptnr2_label_comp_id 
_pdbx_struct_conn_angle.ptnr2_label_seq_id 
_pdbx_struct_conn_angle.ptnr2_auth_atom_id 
_pdbx_struct_conn_angle.ptnr2_auth_asym_id 
_pdbx_struct_conn_angle.ptnr2_auth_comp_id 
_pdbx_struct_conn_angle.ptnr2_auth_seq_id 
_pdbx_struct_conn_angle.ptnr2_PDB_ins_code 
_pdbx_struct_conn_angle.ptnr2_symmetry 
_pdbx_struct_conn_angle.ptnr3_label_atom_id 
_pdbx_struct_conn_angle.ptnr3_label_alt_id 
_pdbx_struct_conn_angle.ptnr3_label_asym_id 
_pdbx_struct_conn_angle.ptnr3_label_comp_id 
_pdbx_struct_conn_angle.ptnr3_label_seq_id 
_pdbx_struct_conn_angle.ptnr3_auth_atom_id 
_pdbx_struct_conn_angle.ptnr3_auth_asym_id 
_pdbx_struct_conn_angle.ptnr3_auth_comp_id 
_pdbx_struct_conn_angle.ptnr3_auth_seq_id 
_pdbx_struct_conn_angle.ptnr3_PDB_ins_code 
_pdbx_struct_conn_angle.ptnr3_symmetry 
_pdbx_struct_conn_angle.value 
_pdbx_struct_conn_angle.value_esd 
1  O6 ? A DG 2 ? X DG 1002 ? 1_555 K ? C K . ? X K 2014 ? 1_555 O6 ? A DG 3  ? X DG 1003 ? 1_555 78.9  ? 
2  O6 ? A DG 2 ? X DG 1002 ? 1_555 K ? C K . ? X K 2014 ? 1_555 O6 ? A DG 8  ? X DG 1008 ? 1_555 66.1  ? 
3  O6 ? A DG 3 ? X DG 1003 ? 1_555 K ? C K . ? X K 2014 ? 1_555 O6 ? A DG 8  ? X DG 1008 ? 1_555 91.1  ? 
4  O6 ? A DG 2 ? X DG 1002 ? 1_555 K ? C K . ? X K 2014 ? 1_555 O6 ? A DG 9  ? X DG 1009 ? 1_555 135.5 ? 
5  O6 ? A DG 3 ? X DG 1003 ? 1_555 K ? C K . ? X K 2014 ? 1_555 O6 ? A DG 9  ? X DG 1009 ? 1_555 68.4  ? 
6  O6 ? A DG 8 ? X DG 1008 ? 1_555 K ? C K . ? X K 2014 ? 1_555 O6 ? A DG 9  ? X DG 1009 ? 1_555 84.6  ? 
7  O6 ? A DG 2 ? X DG 1002 ? 1_555 K ? D K . ? X K 2015 ? 1_555 O6 ? A DG 8  ? X DG 1008 ? 1_555 77.6  ? 
8  O6 ? A DG 3 ? X DG 1003 ? 1_555 K ? B K . ? X K 2013 ? 1_555 O6 ? A DG 4  ? X DG 1004 ? 1_555 68.2  ? 
9  O6 ? A DG 3 ? X DG 1003 ? 1_555 K ? B K . ? X K 2013 ? 1_555 O6 ? A DG 9  ? X DG 1009 ? 1_555 70.8  ? 
10 O6 ? A DG 4 ? X DG 1004 ? 1_555 K ? B K . ? X K 2013 ? 1_555 O6 ? A DG 9  ? X DG 1009 ? 1_555 93.8  ? 
11 O6 ? A DG 3 ? X DG 1003 ? 1_555 K ? B K . ? X K 2013 ? 1_555 O6 ? A DG 10 ? X DG 1010 ? 1_555 133.7 ? 
12 O6 ? A DG 4 ? X DG 1004 ? 1_555 K ? B K . ? X K 2013 ? 1_555 O6 ? A DG 10 ? X DG 1010 ? 1_555 83.6  ? 
13 O6 ? A DG 9 ? X DG 1009 ? 1_555 K ? B K . ? X K 2013 ? 1_555 O6 ? A DG 10 ? X DG 1010 ? 1_555 75.4  ? 
# 
loop_
_pdbx_audit_revision_history.ordinal 
_pdbx_audit_revision_history.data_content_type 
_pdbx_audit_revision_history.major_revision 
_pdbx_audit_revision_history.minor_revision 
_pdbx_audit_revision_history.revision_date 
1 'Structure model' 1 0 2011-12-07 
2 'Structure model' 1 1 2012-04-18 
3 'Structure model' 1 2 2023-09-13 
# 
_pdbx_audit_revision_details.ordinal             1 
_pdbx_audit_revision_details.revision_ordinal    1 
_pdbx_audit_revision_details.data_content_type   'Structure model' 
_pdbx_audit_revision_details.provider            repository 
_pdbx_audit_revision_details.type                'Initial release' 
_pdbx_audit_revision_details.description         ? 
_pdbx_audit_revision_details.details             ? 
# 
loop_
_pdbx_audit_revision_group.ordinal 
_pdbx_audit_revision_group.revision_ordinal 
_pdbx_audit_revision_group.data_content_type 
_pdbx_audit_revision_group.group 
1 2 'Structure model' 'Database references'    
2 3 'Structure model' 'Data collection'        
3 3 'Structure model' 'Database references'    
4 3 'Structure model' 'Derived calculations'   
5 3 'Structure model' 'Refinement description' 
6 3 'Structure model' 'Structure summary'      
# 
loop_
_pdbx_audit_revision_category.ordinal 
_pdbx_audit_revision_category.revision_ordinal 
_pdbx_audit_revision_category.data_content_type 
_pdbx_audit_revision_category.category 
1  3 'Structure model' chem_comp                     
2  3 'Structure model' chem_comp_atom                
3  3 'Structure model' chem_comp_bond                
4  3 'Structure model' database_2                    
5  3 'Structure model' entity                        
6  3 'Structure model' pdbx_entity_nonpoly           
7  3 'Structure model' pdbx_initial_refinement_model 
8  3 'Structure model' pdbx_struct_conn_angle        
9  3 'Structure model' struct_conn                   
10 3 'Structure model' struct_site                   
# 
loop_
_pdbx_audit_revision_item.ordinal 
_pdbx_audit_revision_item.revision_ordinal 
_pdbx_audit_revision_item.data_content_type 
_pdbx_audit_revision_item.item 
1  3 'Structure model' '_chem_comp.name'                             
2  3 'Structure model' '_database_2.pdbx_DOI'                        
3  3 'Structure model' '_database_2.pdbx_database_accession'         
4  3 'Structure model' '_entity.pdbx_description'                    
5  3 'Structure model' '_pdbx_entity_nonpoly.name'                   
6  3 'Structure model' '_pdbx_struct_conn_angle.ptnr1_auth_seq_id'   
7  3 'Structure model' '_pdbx_struct_conn_angle.ptnr1_label_seq_id'  
8  3 'Structure model' '_pdbx_struct_conn_angle.ptnr2_auth_seq_id'   
9  3 'Structure model' '_pdbx_struct_conn_angle.ptnr2_label_asym_id' 
10 3 'Structure model' '_pdbx_struct_conn_angle.ptnr3_auth_seq_id'   
11 3 'Structure model' '_pdbx_struct_conn_angle.ptnr3_label_seq_id'  
12 3 'Structure model' '_pdbx_struct_conn_angle.value'               
13 3 'Structure model' '_struct_conn.pdbx_dist_value'                
14 3 'Structure model' '_struct_conn.ptnr1_auth_seq_id'              
15 3 'Structure model' '_struct_conn.ptnr1_label_seq_id'             
16 3 'Structure model' '_struct_conn.ptnr2_auth_seq_id'              
17 3 'Structure model' '_struct_conn.ptnr2_label_asym_id'            
18 3 'Structure model' '_struct_site.pdbx_auth_asym_id'              
19 3 'Structure model' '_struct_site.pdbx_auth_comp_id'              
20 3 'Structure model' '_struct_site.pdbx_auth_seq_id'               
# 
_pdbx_phasing_MR.entry_id                     3QSF 
_pdbx_phasing_MR.method_rotation              ? 
_pdbx_phasing_MR.method_translation           ? 
_pdbx_phasing_MR.model_details                'Phaser MODE: MR_AUTO' 
_pdbx_phasing_MR.R_factor                     36.360 
_pdbx_phasing_MR.R_rigid_body                 ? 
_pdbx_phasing_MR.correlation_coeff_Fo_to_Fc   ? 
_pdbx_phasing_MR.correlation_coeff_Io_to_Ic   ? 
_pdbx_phasing_MR.d_res_high_rotation          2.500 
_pdbx_phasing_MR.d_res_low_rotation           22.010 
_pdbx_phasing_MR.d_res_high_translation       2.500 
_pdbx_phasing_MR.d_res_low_translation        22.010 
_pdbx_phasing_MR.packing                      ? 
_pdbx_phasing_MR.reflns_percent_rotation      ? 
_pdbx_phasing_MR.reflns_percent_translation   ? 
_pdbx_phasing_MR.sigma_F_rotation             ? 
_pdbx_phasing_MR.sigma_F_translation          ? 
_pdbx_phasing_MR.sigma_I_rotation             ? 
_pdbx_phasing_MR.sigma_I_translation          ? 
# 
_phasing.method   MR 
# 
loop_
_software.pdbx_ordinal 
_software.name 
_software.version 
_software.date 
_software.type 
_software.contact_author 
_software.contact_author_email 
_software.classification 
_software.location 
_software.language 
_software.citation_id 
1 SCALA       3.3.16  2010/01/06                 other   'Phil R. Evans'      pre@mrc-lmb.cam.ac.uk       'data scaling'    
http://www.ccp4.ac.uk/dist/html/scala.html   Fortran_77 ? 
2 PHASER      2.1.4   'Wed Jun 24 14:00:05 2009' program 'Randy J. Read'      cimr-phaser@lists.cam.ac.uk phasing           
http://www-structmed.cimr.cam.ac.uk/phaser/  ?          ? 
3 REFMAC      .       ?                          program 'Garib N. Murshudov' garib@ysbl.york.ac.uk       refinement        
http://www.ccp4.ac.uk/dist/html/refmac5.html Fortran_77 ? 
4 PDB_EXTRACT 3.10    'June 10, 2010'            package PDB                  deposit@deposit.rcsb.org    'data extraction' 
http://sw-tools.pdb.org/apps/PDB_EXTRACT/    C++        ? 
5 ADSC        Quantum ?                          ?       ?                    ?                           'data collection' ? ? ? 
6 XDS         .       ?                          ?       ?                    ?                           'data reduction'  ? ? ? 
# 
loop_
_pdbx_validate_rmsd_bond.id 
_pdbx_validate_rmsd_bond.PDB_model_num 
_pdbx_validate_rmsd_bond.auth_atom_id_1 
_pdbx_validate_rmsd_bond.auth_asym_id_1 
_pdbx_validate_rmsd_bond.auth_comp_id_1 
_pdbx_validate_rmsd_bond.auth_seq_id_1 
_pdbx_validate_rmsd_bond.PDB_ins_code_1 
_pdbx_validate_rmsd_bond.label_alt_id_1 
_pdbx_validate_rmsd_bond.auth_atom_id_2 
_pdbx_validate_rmsd_bond.auth_asym_id_2 
_pdbx_validate_rmsd_bond.auth_comp_id_2 
_pdbx_validate_rmsd_bond.auth_seq_id_2 
_pdbx_validate_rmsd_bond.PDB_ins_code_2 
_pdbx_validate_rmsd_bond.label_alt_id_2 
_pdbx_validate_rmsd_bond.bond_value 
_pdbx_validate_rmsd_bond.bond_target_value 
_pdbx_validate_rmsd_bond.bond_deviation 
_pdbx_validate_rmsd_bond.bond_standard_deviation 
_pdbx_validate_rmsd_bond.linker_flag 
1 1 "O3'" X DT 1005 ? ? "C3'" X DT 1005 ? ? 1.361 1.419 -0.058 0.006 N 
2 1 "O3'" X DA 1007 ? ? "C3'" X DA 1007 ? ? 1.373 1.419 -0.046 0.006 N 
# 
loop_
_pdbx_validate_rmsd_angle.id 
_pdbx_validate_rmsd_angle.PDB_model_num 
_pdbx_validate_rmsd_angle.auth_atom_id_1 
_pdbx_validate_rmsd_angle.auth_asym_id_1 
_pdbx_validate_rmsd_angle.auth_comp_id_1 
_pdbx_validate_rmsd_angle.auth_seq_id_1 
_pdbx_validate_rmsd_angle.PDB_ins_code_1 
_pdbx_validate_rmsd_angle.label_alt_id_1 
_pdbx_validate_rmsd_angle.auth_atom_id_2 
_pdbx_validate_rmsd_angle.auth_asym_id_2 
_pdbx_validate_rmsd_angle.auth_comp_id_2 
_pdbx_validate_rmsd_angle.auth_seq_id_2 
_pdbx_validate_rmsd_angle.PDB_ins_code_2 
_pdbx_validate_rmsd_angle.label_alt_id_2 
_pdbx_validate_rmsd_angle.auth_atom_id_3 
_pdbx_validate_rmsd_angle.auth_asym_id_3 
_pdbx_validate_rmsd_angle.auth_comp_id_3 
_pdbx_validate_rmsd_angle.auth_seq_id_3 
_pdbx_validate_rmsd_angle.PDB_ins_code_3 
_pdbx_validate_rmsd_angle.label_alt_id_3 
_pdbx_validate_rmsd_angle.angle_value 
_pdbx_validate_rmsd_angle.angle_target_value 
_pdbx_validate_rmsd_angle.angle_deviation 
_pdbx_validate_rmsd_angle.angle_standard_deviation 
_pdbx_validate_rmsd_angle.linker_flag 
1 1 "O4'" X DG 1004 ? ? "C1'" X DG 1004 ? ? N9 X DG 1004 ? ? 111.46 108.30 3.16 0.30 N 
2 1 "O4'" X DG 1008 ? ? "C1'" X DG 1008 ? ? N9 X DG 1008 ? ? 112.00 108.30 3.70 0.30 N 
3 1 "O4'" X DG 1010 ? ? "C1'" X DG 1010 ? ? N9 X DG 1010 ? ? 110.78 108.30 2.48 0.30 N 
4 1 "O4'" X DT 1011 ? ? "C1'" X DT 1011 ? ? N1 X DT 1011 ? ? 111.40 108.30 3.10 0.30 N 
5 1 N3    X DT 1011 ? ? C4    X DT 1011 ? ? O4 X DT 1011 ? ? 123.50 119.90 3.60 0.60 N 
# 
_pdbx_unobs_or_zero_occ_residues.id               1 
_pdbx_unobs_or_zero_occ_residues.PDB_model_num    1 
_pdbx_unobs_or_zero_occ_residues.polymer_flag     Y 
_pdbx_unobs_or_zero_occ_residues.occupancy_flag   1 
_pdbx_unobs_or_zero_occ_residues.auth_asym_id     X 
_pdbx_unobs_or_zero_occ_residues.auth_comp_id     DT 
_pdbx_unobs_or_zero_occ_residues.auth_seq_id      1012 
_pdbx_unobs_or_zero_occ_residues.PDB_ins_code     ? 
_pdbx_unobs_or_zero_occ_residues.label_asym_id    A 
_pdbx_unobs_or_zero_occ_residues.label_comp_id    DT 
_pdbx_unobs_or_zero_occ_residues.label_seq_id     12 
# 
loop_
_chem_comp_atom.comp_id 
_chem_comp_atom.atom_id 
_chem_comp_atom.type_symbol 
_chem_comp_atom.pdbx_aromatic_flag 
_chem_comp_atom.pdbx_stereo_config 
_chem_comp_atom.pdbx_ordinal 
DA  OP3    O  N N 1   
DA  P      P  N N 2   
DA  OP1    O  N N 3   
DA  OP2    O  N N 4   
DA  "O5'"  O  N N 5   
DA  "C5'"  C  N N 6   
DA  "C4'"  C  N R 7   
DA  "O4'"  O  N N 8   
DA  "C3'"  C  N S 9   
DA  "O3'"  O  N N 10  
DA  "C2'"  C  N N 11  
DA  "C1'"  C  N R 12  
DA  N9     N  Y N 13  
DA  C8     C  Y N 14  
DA  N7     N  Y N 15  
DA  C5     C  Y N 16  
DA  C6     C  Y N 17  
DA  N6     N  N N 18  
DA  N1     N  Y N 19  
DA  C2     C  Y N 20  
DA  N3     N  Y N 21  
DA  C4     C  Y N 22  
DA  HOP3   H  N N 23  
DA  HOP2   H  N N 24  
DA  "H5'"  H  N N 25  
DA  "H5''" H  N N 26  
DA  "H4'"  H  N N 27  
DA  "H3'"  H  N N 28  
DA  "HO3'" H  N N 29  
DA  "H2'"  H  N N 30  
DA  "H2''" H  N N 31  
DA  "H1'"  H  N N 32  
DA  H8     H  N N 33  
DA  H61    H  N N 34  
DA  H62    H  N N 35  
DA  H2     H  N N 36  
DG  OP3    O  N N 37  
DG  P      P  N N 38  
DG  OP1    O  N N 39  
DG  OP2    O  N N 40  
DG  "O5'"  O  N N 41  
DG  "C5'"  C  N N 42  
DG  "C4'"  C  N R 43  
DG  "O4'"  O  N N 44  
DG  "C3'"  C  N S 45  
DG  "O3'"  O  N N 46  
DG  "C2'"  C  N N 47  
DG  "C1'"  C  N R 48  
DG  N9     N  Y N 49  
DG  C8     C  Y N 50  
DG  N7     N  Y N 51  
DG  C5     C  Y N 52  
DG  C6     C  N N 53  
DG  O6     O  N N 54  
DG  N1     N  N N 55  
DG  C2     C  N N 56  
DG  N2     N  N N 57  
DG  N3     N  N N 58  
DG  C4     C  Y N 59  
DG  HOP3   H  N N 60  
DG  HOP2   H  N N 61  
DG  "H5'"  H  N N 62  
DG  "H5''" H  N N 63  
DG  "H4'"  H  N N 64  
DG  "H3'"  H  N N 65  
DG  "HO3'" H  N N 66  
DG  "H2'"  H  N N 67  
DG  "H2''" H  N N 68  
DG  "H1'"  H  N N 69  
DG  H8     H  N N 70  
DG  H1     H  N N 71  
DG  H21    H  N N 72  
DG  H22    H  N N 73  
DT  OP3    O  N N 74  
DT  P      P  N N 75  
DT  OP1    O  N N 76  
DT  OP2    O  N N 77  
DT  "O5'"  O  N N 78  
DT  "C5'"  C  N N 79  
DT  "C4'"  C  N R 80  
DT  "O4'"  O  N N 81  
DT  "C3'"  C  N S 82  
DT  "O3'"  O  N N 83  
DT  "C2'"  C  N N 84  
DT  "C1'"  C  N R 85  
DT  N1     N  N N 86  
DT  C2     C  N N 87  
DT  O2     O  N N 88  
DT  N3     N  N N 89  
DT  C4     C  N N 90  
DT  O4     O  N N 91  
DT  C5     C  N N 92  
DT  C7     C  N N 93  
DT  C6     C  N N 94  
DT  HOP3   H  N N 95  
DT  HOP2   H  N N 96  
DT  "H5'"  H  N N 97  
DT  "H5''" H  N N 98  
DT  "H4'"  H  N N 99  
DT  "H3'"  H  N N 100 
DT  "HO3'" H  N N 101 
DT  "H2'"  H  N N 102 
DT  "H2''" H  N N 103 
DT  "H1'"  H  N N 104 
DT  H3     H  N N 105 
DT  H71    H  N N 106 
DT  H72    H  N N 107 
DT  H73    H  N N 108 
DT  H6     H  N N 109 
HOH O      O  N N 110 
HOH H1     H  N N 111 
HOH H2     H  N N 112 
K   K      K  N N 113 
NUF C1     C  Y N 114 
NUF F1     F  N N 115 
NUF N1     N  N N 116 
NUF O1     O  N N 117 
NUF NI1    NI N N 118 
NUF C2     C  Y N 119 
NUF F2     F  N N 120 
NUF N2     N  N N 121 
NUF O2     O  N N 122 
NUF C3     C  Y N 123 
NUF N3     N  N N 124 
NUF O3     O  N N 125 
NUF C4     C  Y N 126 
NUF N4     N  N N 127 
NUF O4     O  N N 128 
NUF C5     C  Y N 129 
NUF C6     C  Y N 130 
NUF C7     C  N N 131 
NUF C8     C  Y N 132 
NUF C9     C  Y N 133 
NUF C10    C  Y N 134 
NUF C11    C  Y N 135 
NUF C12    C  Y N 136 
NUF C13    C  Y N 137 
NUF C14    C  N N 138 
NUF C15    C  Y N 139 
NUF C16    C  Y N 140 
NUF C17    C  Y N 141 
NUF C18    C  Y N 142 
NUF C19    C  Y N 143 
NUF C20    C  Y N 144 
NUF C21    C  N N 145 
NUF C22    C  N N 146 
NUF C23    C  N N 147 
NUF C24    C  N N 148 
NUF C25    C  N N 149 
NUF C26    C  N N 150 
NUF C27    C  N N 151 
NUF C28    C  N N 152 
NUF C29    C  N N 153 
NUF C30    C  N N 154 
NUF C31    C  N N 155 
NUF C32    C  N N 156 
NUF C33    C  N N 157 
NUF C34    C  N N 158 
NUF H2     H  N N 159 
NUF H4     H  N N 160 
NUF H5     H  N N 161 
NUF H7     H  N N 162 
NUF H9     H  N N 163 
NUF H12    H  N N 164 
NUF H14    H  N N 165 
NUF H16    H  N N 166 
NUF H17    H  N N 167 
NUF H19    H  N N 168 
NUF H21    H  N N 169 
NUF H21A   H  N N 170 
NUF H22    H  N N 171 
NUF H22A   H  N N 172 
NUF H23    H  N N 173 
NUF H23A   H  N N 174 
NUF H24    H  N N 175 
NUF H24A   H  N N 176 
NUF H25    H  N N 177 
NUF H25A   H  N N 178 
NUF H26    H  N N 179 
NUF H26A   H  N N 180 
NUF H27    H  N N 181 
NUF H27A   H  N N 182 
NUF H28    H  N N 183 
NUF H28A   H  N N 184 
NUF H29    H  N N 185 
NUF H29A   H  N N 186 
NUF H30    H  N N 187 
NUF H30A   H  N N 188 
NUF H31    H  N N 189 
NUF H31A   H  N N 190 
NUF H32    H  N N 191 
NUF H32A   H  N N 192 
NUF H33    H  N N 193 
NUF H33A   H  N N 194 
NUF H34    H  N N 195 
NUF H34A   H  N N 196 
# 
loop_
_chem_comp_bond.comp_id 
_chem_comp_bond.atom_id_1 
_chem_comp_bond.atom_id_2 
_chem_comp_bond.value_order 
_chem_comp_bond.pdbx_aromatic_flag 
_chem_comp_bond.pdbx_stereo_config 
_chem_comp_bond.pdbx_ordinal 
DA  OP3   P      sing N N 1   
DA  OP3   HOP3   sing N N 2   
DA  P     OP1    doub N N 3   
DA  P     OP2    sing N N 4   
DA  P     "O5'"  sing N N 5   
DA  OP2   HOP2   sing N N 6   
DA  "O5'" "C5'"  sing N N 7   
DA  "C5'" "C4'"  sing N N 8   
DA  "C5'" "H5'"  sing N N 9   
DA  "C5'" "H5''" sing N N 10  
DA  "C4'" "O4'"  sing N N 11  
DA  "C4'" "C3'"  sing N N 12  
DA  "C4'" "H4'"  sing N N 13  
DA  "O4'" "C1'"  sing N N 14  
DA  "C3'" "O3'"  sing N N 15  
DA  "C3'" "C2'"  sing N N 16  
DA  "C3'" "H3'"  sing N N 17  
DA  "O3'" "HO3'" sing N N 18  
DA  "C2'" "C1'"  sing N N 19  
DA  "C2'" "H2'"  sing N N 20  
DA  "C2'" "H2''" sing N N 21  
DA  "C1'" N9     sing N N 22  
DA  "C1'" "H1'"  sing N N 23  
DA  N9    C8     sing Y N 24  
DA  N9    C4     sing Y N 25  
DA  C8    N7     doub Y N 26  
DA  C8    H8     sing N N 27  
DA  N7    C5     sing Y N 28  
DA  C5    C6     sing Y N 29  
DA  C5    C4     doub Y N 30  
DA  C6    N6     sing N N 31  
DA  C6    N1     doub Y N 32  
DA  N6    H61    sing N N 33  
DA  N6    H62    sing N N 34  
DA  N1    C2     sing Y N 35  
DA  C2    N3     doub Y N 36  
DA  C2    H2     sing N N 37  
DA  N3    C4     sing Y N 38  
DG  OP3   P      sing N N 39  
DG  OP3   HOP3   sing N N 40  
DG  P     OP1    doub N N 41  
DG  P     OP2    sing N N 42  
DG  P     "O5'"  sing N N 43  
DG  OP2   HOP2   sing N N 44  
DG  "O5'" "C5'"  sing N N 45  
DG  "C5'" "C4'"  sing N N 46  
DG  "C5'" "H5'"  sing N N 47  
DG  "C5'" "H5''" sing N N 48  
DG  "C4'" "O4'"  sing N N 49  
DG  "C4'" "C3'"  sing N N 50  
DG  "C4'" "H4'"  sing N N 51  
DG  "O4'" "C1'"  sing N N 52  
DG  "C3'" "O3'"  sing N N 53  
DG  "C3'" "C2'"  sing N N 54  
DG  "C3'" "H3'"  sing N N 55  
DG  "O3'" "HO3'" sing N N 56  
DG  "C2'" "C1'"  sing N N 57  
DG  "C2'" "H2'"  sing N N 58  
DG  "C2'" "H2''" sing N N 59  
DG  "C1'" N9     sing N N 60  
DG  "C1'" "H1'"  sing N N 61  
DG  N9    C8     sing Y N 62  
DG  N9    C4     sing Y N 63  
DG  C8    N7     doub Y N 64  
DG  C8    H8     sing N N 65  
DG  N7    C5     sing Y N 66  
DG  C5    C6     sing N N 67  
DG  C5    C4     doub Y N 68  
DG  C6    O6     doub N N 69  
DG  C6    N1     sing N N 70  
DG  N1    C2     sing N N 71  
DG  N1    H1     sing N N 72  
DG  C2    N2     sing N N 73  
DG  C2    N3     doub N N 74  
DG  N2    H21    sing N N 75  
DG  N2    H22    sing N N 76  
DG  N3    C4     sing N N 77  
DT  OP3   P      sing N N 78  
DT  OP3   HOP3   sing N N 79  
DT  P     OP1    doub N N 80  
DT  P     OP2    sing N N 81  
DT  P     "O5'"  sing N N 82  
DT  OP2   HOP2   sing N N 83  
DT  "O5'" "C5'"  sing N N 84  
DT  "C5'" "C4'"  sing N N 85  
DT  "C5'" "H5'"  sing N N 86  
DT  "C5'" "H5''" sing N N 87  
DT  "C4'" "O4'"  sing N N 88  
DT  "C4'" "C3'"  sing N N 89  
DT  "C4'" "H4'"  sing N N 90  
DT  "O4'" "C1'"  sing N N 91  
DT  "C3'" "O3'"  sing N N 92  
DT  "C3'" "C2'"  sing N N 93  
DT  "C3'" "H3'"  sing N N 94  
DT  "O3'" "HO3'" sing N N 95  
DT  "C2'" "C1'"  sing N N 96  
DT  "C2'" "H2'"  sing N N 97  
DT  "C2'" "H2''" sing N N 98  
DT  "C1'" N1     sing N N 99  
DT  "C1'" "H1'"  sing N N 100 
DT  N1    C2     sing N N 101 
DT  N1    C6     sing N N 102 
DT  C2    O2     doub N N 103 
DT  C2    N3     sing N N 104 
DT  N3    C4     sing N N 105 
DT  N3    H3     sing N N 106 
DT  C4    O4     doub N N 107 
DT  C4    C5     sing N N 108 
DT  C5    C7     sing N N 109 
DT  C5    C6     doub N N 110 
DT  C7    H71    sing N N 111 
DT  C7    H72    sing N N 112 
DT  C7    H73    sing N N 113 
DT  C6    H6     sing N N 114 
HOH O     H1     sing N N 115 
HOH O     H2     sing N N 116 
NUF C1    O1     sing N N 117 
NUF C1    C2     doub Y N 118 
NUF C1    C6     sing Y N 119 
NUF F1    C11    sing N N 120 
NUF N1    NI1    sing N N 121 
NUF N1    C7     doub N N 122 
NUF N1    C8     sing N N 123 
NUF O1    NI1    sing N N 124 
NUF NI1   N2     sing N N 125 
NUF NI1   O2     sing N N 126 
NUF C2    C3     sing Y N 127 
NUF C2    H2     sing N N 128 
NUF F2    C10    sing N N 129 
NUF N2    C13    sing N N 130 
NUF N2    C14    doub N N 131 
NUF O2    C20    sing N N 132 
NUF C3    O3     sing N N 133 
NUF C3    C4     doub Y N 134 
NUF N3    C22    sing N N 135 
NUF N3    C23    sing N N 136 
NUF N3    C27    sing N N 137 
NUF O3    C21    sing N N 138 
NUF C4    C5     sing Y N 139 
NUF C4    H4     sing N N 140 
NUF N4    C29    sing N N 141 
NUF N4    C30    sing N N 142 
NUF N4    C34    sing N N 143 
NUF O4    C18    sing N N 144 
NUF O4    C28    sing N N 145 
NUF C5    C6     doub Y N 146 
NUF C5    H5     sing N N 147 
NUF C6    C7     sing N N 148 
NUF C7    H7     sing N N 149 
NUF C8    C9     doub Y N 150 
NUF C8    C13    sing Y N 151 
NUF C9    C10    sing Y N 152 
NUF C9    H9     sing N N 153 
NUF C10   C11    doub Y N 154 
NUF C11   C12    sing Y N 155 
NUF C12   C13    doub Y N 156 
NUF C12   H12    sing N N 157 
NUF C14   C15    sing N N 158 
NUF C14   H14    sing N N 159 
NUF C15   C16    doub Y N 160 
NUF C15   C20    sing Y N 161 
NUF C16   C17    sing Y N 162 
NUF C16   H16    sing N N 163 
NUF C17   C18    doub Y N 164 
NUF C17   H17    sing N N 165 
NUF C18   C19    sing Y N 166 
NUF C19   C20    doub Y N 167 
NUF C19   H19    sing N N 168 
NUF C21   C22    sing N N 169 
NUF C21   H21    sing N N 170 
NUF C21   H21A   sing N N 171 
NUF C22   H22    sing N N 172 
NUF C22   H22A   sing N N 173 
NUF C23   C24    sing N N 174 
NUF C23   H23    sing N N 175 
NUF C23   H23A   sing N N 176 
NUF C24   C25    sing N N 177 
NUF C24   H24    sing N N 178 
NUF C24   H24A   sing N N 179 
NUF C25   C26    sing N N 180 
NUF C25   H25    sing N N 181 
NUF C25   H25A   sing N N 182 
NUF C26   C27    sing N N 183 
NUF C26   H26    sing N N 184 
NUF C26   H26A   sing N N 185 
NUF C27   H27    sing N N 186 
NUF C27   H27A   sing N N 187 
NUF C28   C29    sing N N 188 
NUF C28   H28    sing N N 189 
NUF C28   H28A   sing N N 190 
NUF C29   H29    sing N N 191 
NUF C29   H29A   sing N N 192 
NUF C30   C31    sing N N 193 
NUF C30   H30    sing N N 194 
NUF C30   H30A   sing N N 195 
NUF C31   C32    sing N N 196 
NUF C31   H31    sing N N 197 
NUF C31   H31A   sing N N 198 
NUF C32   C33    sing N N 199 
NUF C32   H32    sing N N 200 
NUF C32   H32A   sing N N 201 
NUF C33   C34    sing N N 202 
NUF C33   H33    sing N N 203 
NUF C33   H33A   sing N N 204 
NUF C34   H34    sing N N 205 
NUF C34   H34A   sing N N 206 
# 
loop_
_ndb_struct_conf_na.entry_id 
_ndb_struct_conf_na.feature 
3QSF 'double helix'         
3QSF 'parallel strands'     
3QSF 'mismatched base pair' 
# 
loop_
_ndb_struct_na_base_pair.model_number 
_ndb_struct_na_base_pair.i_label_asym_id 
_ndb_struct_na_base_pair.i_label_comp_id 
_ndb_struct_na_base_pair.i_label_seq_id 
_ndb_struct_na_base_pair.i_symmetry 
_ndb_struct_na_base_pair.j_label_asym_id 
_ndb_struct_na_base_pair.j_label_comp_id 
_ndb_struct_na_base_pair.j_label_seq_id 
_ndb_struct_na_base_pair.j_symmetry 
_ndb_struct_na_base_pair.shear 
_ndb_struct_na_base_pair.stretch 
_ndb_struct_na_base_pair.stagger 
_ndb_struct_na_base_pair.buckle 
_ndb_struct_na_base_pair.propeller 
_ndb_struct_na_base_pair.opening 
_ndb_struct_na_base_pair.pair_number 
_ndb_struct_na_base_pair.pair_name 
_ndb_struct_na_base_pair.i_auth_asym_id 
_ndb_struct_na_base_pair.i_auth_seq_id 
_ndb_struct_na_base_pair.i_PDB_ins_code 
_ndb_struct_na_base_pair.j_auth_asym_id 
_ndb_struct_na_base_pair.j_auth_seq_id 
_ndb_struct_na_base_pair.j_PDB_ins_code 
_ndb_struct_na_base_pair.hbond_type_28 
_ndb_struct_na_base_pair.hbond_type_12 
1 A DG 2 1_555 A DG 8  1_555 1.348 3.418 0.122  -8.706  -7.726 -93.042 1 X_DG1002:DG1008_X X 1002 ? X 1008 ? 6 3 
1 A DG 3 1_555 A DG 9  1_555 1.570 3.537 0.444  -14.223 3.740  -87.185 2 X_DG1003:DG1009_X X 1003 ? X 1009 ? 6 3 
1 A DG 4 1_555 A DG 10 1_555 1.839 3.721 -0.205 2.844   -3.448 -83.727 3 X_DG1004:DG1010_X X 1004 ? X 1010 ? 6 3 
# 
loop_
_ndb_struct_na_base_pair_step.model_number 
_ndb_struct_na_base_pair_step.i_label_asym_id_1 
_ndb_struct_na_base_pair_step.i_label_comp_id_1 
_ndb_struct_na_base_pair_step.i_label_seq_id_1 
_ndb_struct_na_base_pair_step.i_symmetry_1 
_ndb_struct_na_base_pair_step.j_label_asym_id_1 
_ndb_struct_na_base_pair_step.j_label_comp_id_1 
_ndb_struct_na_base_pair_step.j_label_seq_id_1 
_ndb_struct_na_base_pair_step.j_symmetry_1 
_ndb_struct_na_base_pair_step.i_label_asym_id_2 
_ndb_struct_na_base_pair_step.i_label_comp_id_2 
_ndb_struct_na_base_pair_step.i_label_seq_id_2 
_ndb_struct_na_base_pair_step.i_symmetry_2 
_ndb_struct_na_base_pair_step.j_label_asym_id_2 
_ndb_struct_na_base_pair_step.j_label_comp_id_2 
_ndb_struct_na_base_pair_step.j_label_seq_id_2 
_ndb_struct_na_base_pair_step.j_symmetry_2 
_ndb_struct_na_base_pair_step.shift 
_ndb_struct_na_base_pair_step.slide 
_ndb_struct_na_base_pair_step.rise 
_ndb_struct_na_base_pair_step.tilt 
_ndb_struct_na_base_pair_step.roll 
_ndb_struct_na_base_pair_step.twist 
_ndb_struct_na_base_pair_step.x_displacement 
_ndb_struct_na_base_pair_step.y_displacement 
_ndb_struct_na_base_pair_step.helical_rise 
_ndb_struct_na_base_pair_step.inclination 
_ndb_struct_na_base_pair_step.tip 
_ndb_struct_na_base_pair_step.helical_twist 
_ndb_struct_na_base_pair_step.step_number 
_ndb_struct_na_base_pair_step.step_name 
_ndb_struct_na_base_pair_step.i_auth_asym_id_1 
_ndb_struct_na_base_pair_step.i_auth_seq_id_1 
_ndb_struct_na_base_pair_step.i_PDB_ins_code_1 
_ndb_struct_na_base_pair_step.j_auth_asym_id_1 
_ndb_struct_na_base_pair_step.j_auth_seq_id_1 
_ndb_struct_na_base_pair_step.j_PDB_ins_code_1 
_ndb_struct_na_base_pair_step.i_auth_asym_id_2 
_ndb_struct_na_base_pair_step.i_auth_seq_id_2 
_ndb_struct_na_base_pair_step.i_PDB_ins_code_2 
_ndb_struct_na_base_pair_step.j_auth_asym_id_2 
_ndb_struct_na_base_pair_step.j_auth_seq_id_2 
_ndb_struct_na_base_pair_step.j_PDB_ins_code_2 
1 A DG 2 1_555 A DG 8 1_555 A DG 3 1_555 A DG 9  1_555 -0.559 -1.113 3.492 -1.083 0.419 33.224 -2.020 0.784 3.494 0.732 1.893  
33.244 1 XX_DG1002DG1003:DG1009DG1008_XX X 1002 ? X 1008 ? X 1003 ? X 1009 ? 
1 A DG 3 1_555 A DG 9 1_555 A DG 4 1_555 A DG 10 1_555 -0.551 -0.423 3.159 3.891  2.512 25.573 -1.596 2.241 2.988 5.615 -8.700 
25.982 2 XX_DG1003DG1004:DG1010DG1009_XX X 1003 ? X 1009 ? X 1004 ? X 1010 ? 
# 
loop_
_pdbx_entity_nonpoly.entity_id 
_pdbx_entity_nonpoly.name 
_pdbx_entity_nonpoly.comp_id 
2 'POTASSIUM ION' K   
3 
;[2,2'-{(4,5-difluorobenzene-1,2-diyl)bis[(nitrilo-kappaN)methylylidene]}bis{5-[2-(piperidin-1-yl)ethoxy]phenolato-kappa O}(2-)]nickel (II)
;
NUF 
4 water HOH 
# 
_pdbx_initial_refinement_model.id               1 
_pdbx_initial_refinement_model.entity_id_list   ? 
_pdbx_initial_refinement_model.type             'experimental model' 
_pdbx_initial_refinement_model.source_name      PDB 
_pdbx_initial_refinement_model.accession_code   3QSC 
_pdbx_initial_refinement_model.details          ? 
# 
